data_6AIO
#
_entry.id   6AIO
#
_cell.length_a   53.845
_cell.length_b   76.323
_cell.length_c   208.250
_cell.angle_alpha   90.00
_cell.angle_beta   90.00
_cell.angle_gamma   90.00
#
_symmetry.space_group_name_H-M   'P 21 21 21'
#
loop_
_entity.id
_entity.type
_entity.pdbx_description
1 polymer PnpA
2 water water
#
_entity_poly.entity_id   1
_entity_poly.type   'polypeptide(L)'
_entity_poly.pdbx_seq_one_letter_code
;MGRDRRHKMETIEGVVVVGGGPVGLLTALKLGKAGVRVVVLESESGVSPSPRAVAYMPPTAAALDRFGLLDDIRKRAVWC
PDFAYRHGNGELIAKMDWAVLAQDTDYPYMLLLAQNHVSNVIVEHLRKLPNVEIRWNHKVEEIDQDDDYVTMETSGPAGK
ASLRAKWVAATDGARSTVRGKIGLTFDGITWSERLVATNVFYDFSLHGYSRANFVHDPVDWAVVVQLDKTGLWRVCYGED
PDISEAEVRRRLPERFKRLLPGAPTPDQYRVDYLNPYRVHQRCAAEFRRGRVILAGDAAHATNPMGGLGLSGGVLDAEHL
AEALIAVIKEGASTKVLDEYSVDRRKVFLEFTSPTATANFTWMKESDPAQRARDNAMFDHAGKDLKVMREILLDFEKLNG
RRVIAPRQHAPEHELVGA
;
_entity_poly.pdbx_strand_id   A,B
#
# COMPACT_ATOMS: atom_id res chain seq x y z
N MET A 9 17.71 -29.63 -1.01
CA MET A 9 16.36 -29.04 -1.20
C MET A 9 15.75 -29.51 -2.52
N GLU A 10 14.50 -29.18 -2.71
CA GLU A 10 13.76 -29.63 -3.87
C GLU A 10 14.15 -28.89 -5.14
N THR A 11 14.54 -29.63 -6.16
CA THR A 11 14.95 -29.04 -7.43
C THR A 11 14.04 -29.49 -8.53
N ILE A 12 13.50 -28.49 -9.26
CA ILE A 12 12.68 -28.73 -10.42
C ILE A 12 13.47 -28.46 -11.71
N GLU A 13 13.70 -29.54 -12.47
CA GLU A 13 14.40 -29.45 -13.76
C GLU A 13 13.35 -29.11 -14.80
N GLY A 14 12.91 -27.87 -14.76
CA GLY A 14 11.77 -27.43 -15.56
C GLY A 14 11.35 -26.08 -15.01
N VAL A 15 10.04 -25.88 -14.92
CA VAL A 15 9.51 -24.52 -14.64
C VAL A 15 8.63 -24.54 -13.42
N VAL A 16 8.81 -23.54 -12.58
CA VAL A 16 7.84 -23.26 -11.56
C VAL A 16 7.01 -22.07 -12.04
N VAL A 17 5.70 -22.28 -12.07
CA VAL A 17 4.74 -21.23 -12.39
C VAL A 17 4.16 -20.65 -11.10
N VAL A 18 4.31 -19.35 -10.91
CA VAL A 18 3.76 -18.71 -9.73
C VAL A 18 2.46 -18.04 -10.13
N GLY A 19 1.37 -18.53 -9.53
CA GLY A 19 0.04 -18.00 -9.66
C GLY A 19 -0.78 -19.07 -10.36
N GLY A 20 -1.96 -19.36 -9.80
CA GLY A 20 -2.89 -20.33 -10.35
C GLY A 20 -4.16 -19.76 -10.97
N GLY A 21 -4.05 -18.53 -11.50
CA GLY A 21 -5.06 -17.95 -12.30
C GLY A 21 -4.93 -18.48 -13.68
N PRO A 22 -5.82 -18.05 -14.58
CA PRO A 22 -5.79 -18.63 -15.89
C PRO A 22 -4.45 -18.47 -16.58
N VAL A 23 -3.76 -17.35 -16.36
CA VAL A 23 -2.52 -17.10 -17.10
C VAL A 23 -1.43 -18.12 -16.69
N GLY A 24 -1.34 -18.35 -15.40
CA GLY A 24 -0.43 -19.35 -14.86
C GLY A 24 -0.81 -20.75 -15.30
N LEU A 25 -2.09 -21.07 -15.25
CA LEU A 25 -2.53 -22.41 -15.62
C LEU A 25 -2.34 -22.72 -17.06
N LEU A 26 -2.60 -21.73 -17.90
CA LEU A 26 -2.35 -21.88 -19.32
C LEU A 26 -0.88 -22.10 -19.68
N THR A 27 -0.02 -21.34 -19.05
CA THR A 27 1.40 -21.45 -19.29
C THR A 27 1.82 -22.87 -18.92
N ALA A 28 1.37 -23.34 -17.77
CA ALA A 28 1.61 -24.70 -17.40
C ALA A 28 1.08 -25.76 -18.37
N LEU A 29 -0.12 -25.56 -18.87
CA LEU A 29 -0.76 -26.49 -19.76
C LEU A 29 0.06 -26.65 -21.01
N LYS A 30 0.45 -25.56 -21.64
CA LYS A 30 1.22 -25.68 -22.88
C LYS A 30 2.64 -26.21 -22.59
N LEU A 31 3.27 -25.77 -21.51
CA LEU A 31 4.56 -26.41 -21.08
C LEU A 31 4.39 -27.93 -20.87
N GLY A 32 3.34 -28.29 -20.15
CA GLY A 32 3.10 -29.65 -19.74
C GLY A 32 2.91 -30.56 -20.94
N LYS A 33 2.11 -30.11 -21.87
CA LYS A 33 1.83 -30.89 -23.03
C LYS A 33 3.07 -31.12 -23.91
N ALA A 34 4.04 -30.23 -23.83
CA ALA A 34 5.29 -30.42 -24.55
C ALA A 34 6.30 -31.28 -23.78
N GLY A 35 5.92 -31.80 -22.63
CA GLY A 35 6.82 -32.65 -21.87
C GLY A 35 7.65 -31.93 -20.83
N VAL A 36 7.53 -30.62 -20.68
CA VAL A 36 8.32 -29.93 -19.66
C VAL A 36 7.73 -30.21 -18.27
N ARG A 37 8.58 -30.39 -17.27
CA ARG A 37 8.09 -30.61 -15.90
C ARG A 37 7.65 -29.30 -15.32
N VAL A 38 6.44 -29.27 -14.77
CA VAL A 38 5.94 -28.02 -14.23
C VAL A 38 5.42 -28.18 -12.83
N VAL A 39 5.72 -27.19 -11.99
CA VAL A 39 5.06 -27.08 -10.70
C VAL A 39 4.39 -25.72 -10.61
N VAL A 40 3.10 -25.71 -10.35
CA VAL A 40 2.34 -24.50 -10.16
C VAL A 40 2.13 -24.22 -8.69
N LEU A 41 2.55 -23.05 -8.25
CA LEU A 41 2.24 -22.58 -6.90
C LEU A 41 1.03 -21.66 -6.97
N GLU A 42 -0.10 -22.13 -6.45
CA GLU A 42 -1.36 -21.41 -6.49
C GLU A 42 -1.58 -20.74 -5.12
N SER A 43 -2.11 -19.51 -5.13
CA SER A 43 -2.50 -18.79 -3.91
C SER A 43 -3.46 -17.59 -4.14
N GLU A 44 -4.76 -17.90 -4.20
CA GLU A 44 -6.01 -17.04 -3.87
C GLU A 44 -6.71 -16.28 -4.99
N PRO A 49 -12.08 -9.18 -5.30
CA PRO A 49 -12.75 -8.75 -6.54
C PRO A 49 -13.18 -10.08 -7.17
N SER A 50 -14.22 -10.69 -6.59
CA SER A 50 -14.58 -12.09 -6.94
C SER A 50 -15.92 -12.23 -7.66
N PRO A 51 -15.95 -12.60 -8.96
CA PRO A 51 -14.75 -12.82 -9.83
C PRO A 51 -14.25 -11.68 -10.77
N ARG A 52 -13.07 -11.82 -11.43
CA ARG A 52 -12.47 -10.69 -12.24
C ARG A 52 -12.31 -10.74 -13.79
N ALA A 53 -11.08 -10.85 -14.37
CA ALA A 53 -10.92 -10.83 -15.85
C ALA A 53 -11.85 -11.82 -16.57
N VAL A 54 -12.84 -11.35 -17.34
CA VAL A 54 -13.94 -12.26 -17.80
C VAL A 54 -14.31 -12.32 -19.31
N ALA A 55 -13.75 -11.51 -20.22
CA ALA A 55 -14.24 -11.55 -21.61
C ALA A 55 -13.20 -12.04 -22.64
N TYR A 56 -13.61 -12.89 -23.58
CA TYR A 56 -12.73 -13.44 -24.55
C TYR A 56 -13.16 -13.05 -25.93
N MET A 57 -12.38 -12.14 -26.56
CA MET A 57 -12.63 -11.69 -27.95
C MET A 57 -12.04 -12.70 -28.96
N PRO A 58 -12.28 -12.51 -30.26
CA PRO A 58 -11.94 -13.60 -31.16
C PRO A 58 -10.50 -14.07 -31.21
N PRO A 59 -9.51 -13.16 -31.13
CA PRO A 59 -8.14 -13.64 -31.15
C PRO A 59 -7.80 -14.51 -29.93
N THR A 60 -8.37 -14.18 -28.80
CA THR A 60 -8.16 -14.96 -27.57
C THR A 60 -8.88 -16.30 -27.64
N ALA A 61 -10.08 -16.32 -28.24
CA ALA A 61 -10.73 -17.56 -28.50
C ALA A 61 -9.88 -18.45 -29.41
N ALA A 62 -9.28 -17.85 -30.43
CA ALA A 62 -8.38 -18.59 -31.31
C ALA A 62 -7.23 -19.23 -30.53
N ALA A 63 -6.64 -18.47 -29.61
CA ALA A 63 -5.62 -19.01 -28.72
C ALA A 63 -6.15 -20.15 -27.86
N LEU A 64 -7.32 -19.97 -27.27
CA LEU A 64 -7.91 -21.01 -26.42
C LEU A 64 -8.13 -22.28 -27.24
N ASP A 65 -8.45 -22.12 -28.52
CA ASP A 65 -8.61 -23.29 -29.37
C ASP A 65 -7.26 -23.94 -29.55
N ARG A 66 -6.20 -23.16 -29.79
CA ARG A 66 -4.85 -23.78 -29.87
C ARG A 66 -4.44 -24.51 -28.60
N PHE A 67 -4.85 -24.02 -27.44
CA PHE A 67 -4.58 -24.74 -26.21
C PHE A 67 -5.39 -26.01 -26.02
N GLY A 68 -6.43 -26.23 -26.85
CA GLY A 68 -7.32 -27.36 -26.77
C GLY A 68 -8.49 -27.16 -25.80
N LEU A 69 -8.71 -25.93 -25.39
CA LEU A 69 -9.63 -25.61 -24.30
C LEU A 69 -10.95 -25.01 -24.72
N LEU A 70 -11.05 -24.61 -25.98
CA LEU A 70 -12.19 -23.77 -26.36
C LEU A 70 -13.52 -24.48 -26.31
N ASP A 71 -13.58 -25.71 -26.79
CA ASP A 71 -14.84 -26.45 -26.70
C ASP A 71 -15.34 -26.51 -25.25
N ASP A 72 -14.45 -26.76 -24.30
CA ASP A 72 -14.93 -26.91 -22.90
C ASP A 72 -15.33 -25.59 -22.31
N ILE A 73 -14.57 -24.54 -22.62
CA ILE A 73 -14.98 -23.19 -22.23
C ILE A 73 -16.34 -22.79 -22.84
N ARG A 74 -16.54 -23.10 -24.14
CA ARG A 74 -17.78 -22.70 -24.79
C ARG A 74 -18.99 -23.38 -24.16
N LYS A 75 -18.91 -24.60 -23.62
CA LYS A 75 -19.99 -25.29 -22.92
C LYS A 75 -20.51 -24.55 -21.72
N ARG A 76 -19.64 -23.79 -21.07
CA ARG A 76 -20.00 -23.07 -19.89
C ARG A 76 -20.16 -21.54 -20.11
N ALA A 77 -19.48 -20.96 -21.09
CA ALA A 77 -19.52 -19.53 -21.29
C ALA A 77 -20.86 -18.97 -21.73
N VAL A 78 -21.06 -17.71 -21.45
CA VAL A 78 -22.14 -16.95 -22.01
C VAL A 78 -21.70 -16.50 -23.40
N TRP A 79 -22.42 -17.03 -24.42
CA TRP A 79 -22.20 -16.62 -25.80
C TRP A 79 -22.66 -15.18 -25.99
N CYS A 80 -21.82 -14.30 -26.57
CA CYS A 80 -22.07 -12.88 -26.64
C CYS A 80 -21.89 -12.43 -28.10
N PRO A 81 -22.97 -12.39 -28.90
CA PRO A 81 -22.82 -12.05 -30.30
C PRO A 81 -22.63 -10.57 -30.57
N ASP A 82 -22.84 -9.75 -29.55
CA ASP A 82 -22.64 -8.33 -29.73
C ASP A 82 -22.34 -7.65 -28.42
N PHE A 83 -21.85 -6.43 -28.48
CA PHE A 83 -21.83 -5.61 -27.27
C PHE A 83 -22.39 -4.25 -27.61
N ALA A 84 -22.81 -3.54 -26.56
CA ALA A 84 -23.49 -2.29 -26.74
C ALA A 84 -22.82 -1.12 -26.03
N TYR A 85 -22.82 0.03 -26.70
CA TYR A 85 -22.64 1.29 -26.04
C TYR A 85 -23.99 1.86 -25.76
N ARG A 86 -24.17 2.33 -24.54
CA ARG A 86 -25.43 2.87 -24.08
C ARG A 86 -25.29 4.21 -23.39
N HIS A 87 -26.31 5.04 -23.50
CA HIS A 87 -26.37 6.26 -22.68
C HIS A 87 -26.70 5.84 -21.24
N GLY A 88 -26.59 6.81 -20.33
CA GLY A 88 -26.87 6.63 -18.92
C GLY A 88 -28.30 6.23 -18.69
N ASN A 89 -29.20 6.63 -19.57
CA ASN A 89 -30.60 6.20 -19.55
C ASN A 89 -30.89 4.85 -20.17
N GLY A 90 -29.87 4.13 -20.62
CA GLY A 90 -30.10 2.80 -21.16
C GLY A 90 -30.25 2.77 -22.64
N GLU A 91 -30.59 3.91 -23.25
CA GLU A 91 -30.78 3.92 -24.69
C GLU A 91 -29.49 3.58 -25.45
N LEU A 92 -29.66 2.80 -26.51
CA LEU A 92 -28.58 2.33 -27.34
C LEU A 92 -27.85 3.45 -28.10
N ILE A 93 -26.53 3.55 -27.95
CA ILE A 93 -25.79 4.41 -28.82
C ILE A 93 -25.33 3.66 -30.04
N ALA A 94 -24.82 2.44 -29.83
CA ALA A 94 -24.36 1.63 -30.94
C ALA A 94 -24.24 0.21 -30.47
N LYS A 95 -24.58 -0.71 -31.35
CA LYS A 95 -24.40 -2.10 -31.07
C LYS A 95 -23.38 -2.68 -32.03
N MET A 96 -22.34 -3.30 -31.51
CA MET A 96 -21.25 -3.77 -32.28
C MET A 96 -21.46 -5.26 -32.43
N ASP A 97 -21.67 -5.73 -33.66
CA ASP A 97 -22.05 -7.13 -33.93
C ASP A 97 -20.88 -7.95 -34.43
N TRP A 98 -20.47 -8.94 -33.68
CA TRP A 98 -19.34 -9.78 -34.07
C TRP A 98 -19.55 -10.55 -35.35
N ALA A 99 -20.81 -10.74 -35.79
CA ALA A 99 -21.06 -11.43 -37.01
C ALA A 99 -20.50 -10.72 -38.26
N VAL A 100 -20.17 -9.42 -38.15
CA VAL A 100 -19.54 -8.80 -39.28
C VAL A 100 -18.14 -9.36 -39.53
N LEU A 101 -17.58 -10.17 -38.61
CA LEU A 101 -16.26 -10.79 -38.82
C LEU A 101 -16.33 -12.21 -39.34
N ALA A 102 -17.52 -12.67 -39.67
CA ALA A 102 -17.73 -14.07 -40.05
C ALA A 102 -16.89 -14.53 -41.22
N GLN A 103 -16.42 -13.61 -42.06
CA GLN A 103 -15.53 -14.01 -43.12
C GLN A 103 -14.08 -13.91 -42.74
N ASP A 104 -13.80 -13.33 -41.59
CA ASP A 104 -12.44 -13.09 -41.20
C ASP A 104 -11.92 -14.03 -40.15
N THR A 105 -12.79 -14.69 -39.37
CA THR A 105 -12.33 -15.49 -38.26
C THR A 105 -13.27 -16.66 -38.09
N ASP A 106 -12.71 -17.79 -37.64
CA ASP A 106 -13.51 -18.91 -37.21
C ASP A 106 -14.19 -18.66 -35.84
N TYR A 107 -13.89 -17.55 -35.16
CA TYR A 107 -14.49 -17.24 -33.84
C TYR A 107 -15.19 -15.86 -33.80
N PRO A 108 -16.31 -15.71 -34.56
CA PRO A 108 -16.91 -14.38 -34.69
C PRO A 108 -17.90 -14.10 -33.58
N TYR A 109 -17.41 -13.98 -32.37
CA TYR A 109 -18.19 -13.76 -31.19
C TYR A 109 -17.27 -13.44 -30.01
N MET A 110 -17.86 -13.02 -28.90
CA MET A 110 -17.20 -12.93 -27.62
C MET A 110 -17.74 -14.01 -26.72
N LEU A 111 -16.94 -14.47 -25.79
CA LEU A 111 -17.42 -15.40 -24.78
C LEU A 111 -17.20 -14.73 -23.44
N LEU A 112 -18.19 -14.83 -22.55
CA LEU A 112 -18.09 -14.30 -21.19
C LEU A 112 -18.13 -15.43 -20.17
N LEU A 113 -17.24 -15.41 -19.22
CA LEU A 113 -17.20 -16.50 -18.22
C LEU A 113 -16.37 -16.06 -17.05
N ALA A 114 -16.86 -16.16 -15.82
CA ALA A 114 -16.08 -15.74 -14.67
C ALA A 114 -14.77 -16.57 -14.58
N GLN A 115 -13.77 -15.94 -13.99
CA GLN A 115 -12.46 -16.52 -13.94
C GLN A 115 -12.40 -17.86 -13.23
N ASN A 116 -13.14 -18.02 -12.15
CA ASN A 116 -13.08 -19.31 -11.44
C ASN A 116 -13.55 -20.48 -12.31
N HIS A 117 -14.56 -20.25 -13.14
CA HIS A 117 -14.99 -21.29 -14.06
C HIS A 117 -13.92 -21.61 -15.09
N VAL A 118 -13.28 -20.56 -15.61
CA VAL A 118 -12.21 -20.75 -16.58
C VAL A 118 -11.07 -21.56 -15.95
N SER A 119 -10.61 -21.10 -14.79
CA SER A 119 -9.59 -21.82 -14.05
C SER A 119 -9.94 -23.33 -13.85
N ASN A 120 -11.20 -23.61 -13.51
CA ASN A 120 -11.62 -25.00 -13.30
C ASN A 120 -11.50 -25.82 -14.56
N VAL A 121 -11.86 -25.23 -15.70
CA VAL A 121 -11.71 -25.99 -16.94
C VAL A 121 -10.24 -26.32 -17.16
N ILE A 122 -9.36 -25.34 -16.90
CA ILE A 122 -7.94 -25.52 -17.27
C ILE A 122 -7.35 -26.56 -16.36
N VAL A 123 -7.75 -26.48 -15.09
CA VAL A 123 -7.30 -27.48 -14.10
C VAL A 123 -7.71 -28.90 -14.50
N GLU A 124 -8.92 -29.09 -15.05
CA GLU A 124 -9.28 -30.40 -15.61
C GLU A 124 -8.29 -30.92 -16.65
N HIS A 125 -7.86 -30.04 -17.56
CA HIS A 125 -6.96 -30.46 -18.59
C HIS A 125 -5.56 -30.73 -17.99
N LEU A 126 -5.16 -29.96 -16.99
CA LEU A 126 -3.83 -30.16 -16.38
C LEU A 126 -3.75 -31.48 -15.62
N ARG A 127 -4.88 -31.96 -15.10
CA ARG A 127 -4.93 -33.19 -14.38
C ARG A 127 -4.59 -34.38 -15.27
N LYS A 128 -4.70 -34.26 -16.58
CA LYS A 128 -4.31 -35.36 -17.46
C LYS A 128 -2.82 -35.45 -17.71
N LEU A 129 -2.04 -34.52 -17.16
CA LEU A 129 -0.61 -34.43 -17.46
C LEU A 129 0.18 -34.77 -16.23
N PRO A 130 0.76 -35.99 -16.19
CA PRO A 130 1.43 -36.38 -14.93
C PRO A 130 2.67 -35.51 -14.62
N ASN A 131 3.21 -34.82 -15.61
CA ASN A 131 4.38 -34.00 -15.41
C ASN A 131 4.10 -32.59 -14.88
N VAL A 132 2.82 -32.30 -14.55
CA VAL A 132 2.42 -31.03 -13.98
C VAL A 132 1.82 -31.28 -12.59
N GLU A 133 2.26 -30.55 -11.59
CA GLU A 133 1.72 -30.65 -10.26
C GLU A 133 1.21 -29.31 -9.90
N ILE A 134 0.01 -29.23 -9.34
CA ILE A 134 -0.49 -28.00 -8.79
C ILE A 134 -0.41 -28.08 -7.30
N ARG A 135 0.31 -27.13 -6.71
CA ARG A 135 0.38 -27.01 -5.26
C ARG A 135 -0.56 -25.92 -4.71
N TRP A 136 -1.64 -26.33 -4.02
CA TRP A 136 -2.72 -25.38 -3.59
C TRP A 136 -2.36 -24.54 -2.37
N ASN A 137 -2.50 -23.22 -2.51
CA ASN A 137 -2.23 -22.29 -1.40
C ASN A 137 -0.76 -22.31 -0.96
N HIS A 138 0.15 -22.42 -1.91
CA HIS A 138 1.59 -22.19 -1.70
C HIS A 138 2.00 -20.79 -2.17
N LYS A 139 2.68 -20.05 -1.30
CA LYS A 139 3.10 -18.70 -1.63
C LYS A 139 4.62 -18.57 -1.60
N VAL A 140 5.11 -17.73 -2.49
CA VAL A 140 6.54 -17.44 -2.53
C VAL A 140 6.83 -16.32 -1.55
N GLU A 141 7.67 -16.62 -0.57
CA GLU A 141 8.02 -15.68 0.46
C GLU A 141 9.35 -14.97 0.11
N GLU A 142 10.29 -15.69 -0.49
CA GLU A 142 11.57 -15.10 -0.89
C GLU A 142 12.03 -15.74 -2.21
N ILE A 143 12.76 -14.97 -3.00
CA ILE A 143 13.19 -15.43 -4.32
C ILE A 143 14.54 -14.77 -4.62
N ASP A 144 15.43 -15.57 -5.16
CA ASP A 144 16.77 -15.13 -5.55
C ASP A 144 17.17 -16.02 -6.71
N GLN A 145 18.20 -15.65 -7.45
CA GLN A 145 18.64 -16.51 -8.50
C GLN A 145 20.14 -16.43 -8.67
N ASP A 146 20.70 -17.47 -9.24
CA ASP A 146 22.12 -17.49 -9.66
C ASP A 146 22.18 -17.90 -11.13
N ASP A 147 23.35 -18.24 -11.62
CA ASP A 147 23.52 -18.59 -13.04
C ASP A 147 22.71 -19.83 -13.47
N ASP A 148 22.47 -20.76 -12.57
CA ASP A 148 21.85 -22.06 -12.88
C ASP A 148 20.37 -22.22 -12.49
N TYR A 149 19.95 -21.61 -11.37
CA TYR A 149 18.59 -21.81 -10.84
C TYR A 149 18.07 -20.57 -10.13
N VAL A 150 16.75 -20.56 -10.03
CA VAL A 150 15.96 -19.59 -9.24
C VAL A 150 15.60 -20.33 -7.95
N THR A 151 16.00 -19.80 -6.83
CA THR A 151 15.68 -20.42 -5.53
C THR A 151 14.61 -19.61 -4.79
N MET A 152 13.61 -20.32 -4.27
CA MET A 152 12.48 -19.70 -3.62
C MET A 152 12.31 -20.29 -2.23
N GLU A 153 11.92 -19.45 -1.26
CA GLU A 153 11.40 -19.89 0.03
C GLU A 153 9.89 -19.78 -0.10
N THR A 154 9.20 -20.85 0.22
CA THR A 154 7.78 -20.93 0.06
C THR A 154 7.14 -21.20 1.41
N SER A 155 5.85 -20.89 1.50
CA SER A 155 5.02 -21.34 2.60
C SER A 155 3.69 -21.89 2.03
N GLY A 156 3.22 -22.96 2.65
CA GLY A 156 1.98 -23.62 2.31
C GLY A 156 1.34 -24.26 3.55
N PRO A 157 0.32 -25.07 3.34
CA PRO A 157 -0.31 -25.66 4.52
C PRO A 157 0.65 -26.56 5.38
N ALA A 158 1.65 -27.15 4.77
CA ALA A 158 2.66 -27.91 5.50
C ALA A 158 3.73 -27.07 6.15
N GLY A 159 3.67 -25.74 6.04
CA GLY A 159 4.66 -24.86 6.65
C GLY A 159 5.66 -24.36 5.58
N LYS A 160 6.88 -24.12 6.00
CA LYS A 160 7.91 -23.52 5.12
C LYS A 160 8.67 -24.56 4.37
N ALA A 161 9.17 -24.17 3.21
CA ALA A 161 9.94 -25.10 2.37
C ALA A 161 10.82 -24.32 1.39
N SER A 162 11.80 -24.99 0.82
CA SER A 162 12.71 -24.40 -0.17
C SER A 162 12.51 -25.15 -1.48
N LEU A 163 12.53 -24.42 -2.57
CA LEU A 163 12.31 -24.98 -3.91
C LEU A 163 13.16 -24.18 -4.91
N ARG A 164 13.80 -24.86 -5.84
CA ARG A 164 14.56 -24.16 -6.89
C ARG A 164 14.12 -24.72 -8.24
N ALA A 165 14.23 -23.89 -9.28
CA ALA A 165 13.83 -24.25 -10.65
C ALA A 165 14.76 -23.61 -11.67
N LYS A 166 14.80 -24.21 -12.85
CA LYS A 166 15.59 -23.69 -13.99
C LYS A 166 14.96 -22.38 -14.48
N TRP A 167 13.63 -22.28 -14.42
CA TRP A 167 12.91 -21.07 -14.90
C TRP A 167 11.70 -20.86 -14.03
N VAL A 168 11.38 -19.59 -13.80
CA VAL A 168 10.16 -19.24 -13.12
C VAL A 168 9.29 -18.34 -14.01
N ALA A 169 8.05 -18.77 -14.20
CA ALA A 169 7.01 -17.94 -14.87
C ALA A 169 6.08 -17.36 -13.82
N ALA A 170 6.24 -16.08 -13.57
CA ALA A 170 5.44 -15.35 -12.58
C ALA A 170 4.24 -14.71 -13.24
N THR A 171 3.06 -15.00 -12.69
CA THR A 171 1.82 -14.58 -13.30
C THR A 171 0.89 -13.85 -12.37
N ASP A 172 1.21 -13.79 -11.08
CA ASP A 172 0.34 -13.15 -10.12
C ASP A 172 0.65 -11.67 -9.92
N GLY A 173 -0.40 -10.90 -9.75
CA GLY A 173 -0.33 -9.46 -9.72
C GLY A 173 0.01 -8.69 -8.44
N ALA A 174 -0.10 -9.33 -7.30
CA ALA A 174 0.16 -8.69 -6.03
C ALA A 174 1.62 -8.32 -5.92
N ARG A 175 1.90 -7.17 -5.31
CA ARG A 175 3.29 -6.69 -5.15
C ARG A 175 4.17 -7.77 -4.46
N VAL A 178 6.86 -11.85 -6.03
CA VAL A 178 7.88 -12.15 -7.08
C VAL A 178 8.24 -10.93 -7.91
N ARG A 179 7.23 -10.39 -8.58
CA ARG A 179 7.39 -9.20 -9.41
C ARG A 179 8.31 -8.19 -8.72
N GLY A 180 7.97 -7.85 -7.49
CA GLY A 180 8.60 -6.78 -6.72
C GLY A 180 9.74 -7.19 -5.82
N LYS A 181 9.89 -8.51 -5.61
CA LYS A 181 11.08 -9.13 -4.94
C LYS A 181 12.35 -9.24 -5.82
N ILE A 182 12.20 -9.38 -7.15
CA ILE A 182 13.39 -9.61 -8.04
C ILE A 182 14.07 -8.33 -8.57
N GLY A 183 13.63 -7.16 -8.16
CA GLY A 183 14.35 -5.97 -8.64
C GLY A 183 13.90 -5.53 -10.03
N LEU A 184 12.61 -5.66 -10.35
CA LEU A 184 12.16 -5.12 -11.64
C LEU A 184 11.57 -3.76 -11.37
N THR A 185 11.70 -2.91 -12.37
CA THR A 185 11.15 -1.54 -12.41
C THR A 185 9.78 -1.66 -13.09
N PHE A 186 8.74 -1.13 -12.45
CA PHE A 186 7.48 -0.93 -13.12
C PHE A 186 7.37 0.56 -13.43
N ASP A 187 6.91 0.86 -14.64
CA ASP A 187 6.68 2.22 -15.08
C ASP A 187 5.14 2.44 -15.24
N GLY A 188 4.81 3.71 -15.49
CA GLY A 188 3.46 4.08 -15.91
C GLY A 188 2.45 3.73 -14.83
N ILE A 189 2.86 3.81 -13.57
CA ILE A 189 1.95 3.52 -12.48
C ILE A 189 0.90 4.62 -12.27
N THR A 190 -0.38 4.28 -12.42
CA THR A 190 -1.46 5.24 -12.12
C THR A 190 -2.61 4.58 -11.39
N TRP A 191 -3.12 5.23 -10.37
CA TRP A 191 -4.13 4.64 -9.51
C TRP A 191 -5.49 4.96 -10.08
N SER A 192 -6.48 4.12 -9.85
CA SER A 192 -7.82 4.42 -10.34
C SER A 192 -8.59 5.25 -9.32
N GLU A 193 -9.73 5.77 -9.75
CA GLU A 193 -10.75 6.33 -8.85
C GLU A 193 -11.41 5.21 -8.08
N ARG A 194 -12.32 5.54 -7.17
CA ARG A 194 -12.98 4.48 -6.44
C ARG A 194 -14.02 3.85 -7.41
N LEU A 195 -13.89 2.56 -7.57
CA LEU A 195 -14.77 1.72 -8.36
C LEU A 195 -15.58 0.84 -7.39
N VAL A 196 -16.76 0.44 -7.81
CA VAL A 196 -17.55 -0.48 -7.08
C VAL A 196 -17.85 -1.64 -8.05
N ALA A 197 -17.49 -2.84 -7.64
CA ALA A 197 -17.87 -4.08 -8.37
C ALA A 197 -19.00 -4.75 -7.63
N THR A 198 -20.12 -4.96 -8.32
CA THR A 198 -21.25 -5.67 -7.76
C THR A 198 -21.61 -6.86 -8.64
N ASN A 199 -22.04 -7.93 -8.02
CA ASN A 199 -22.61 -9.08 -8.78
C ASN A 199 -24.07 -9.10 -8.45
N VAL A 200 -24.88 -9.06 -9.47
CA VAL A 200 -26.30 -8.82 -9.39
C VAL A 200 -27.16 -9.83 -10.15
N PHE A 201 -28.18 -10.42 -9.50
CA PHE A 201 -29.20 -11.17 -10.26
C PHE A 201 -30.26 -10.18 -10.70
N TYR A 202 -30.23 -9.85 -12.00
CA TYR A 202 -31.22 -9.05 -12.63
C TYR A 202 -31.23 -9.47 -14.05
N ASP A 203 -32.42 -9.58 -14.61
CA ASP A 203 -32.58 -9.97 -16.01
C ASP A 203 -32.39 -8.74 -16.92
N PHE A 204 -31.15 -8.41 -17.17
CA PHE A 204 -30.81 -7.28 -18.01
C PHE A 204 -31.27 -7.47 -19.45
N SER A 205 -31.18 -8.71 -19.90
CA SER A 205 -31.50 -9.05 -21.26
C SER A 205 -33.02 -8.85 -21.51
N LEU A 206 -33.86 -9.18 -20.56
CA LEU A 206 -35.27 -8.86 -20.69
C LEU A 206 -35.51 -7.36 -20.87
N HIS A 207 -34.66 -6.49 -20.30
CA HIS A 207 -34.83 -5.04 -20.48
C HIS A 207 -34.04 -4.52 -21.65
N GLY A 208 -33.61 -5.39 -22.55
CA GLY A 208 -33.00 -4.95 -23.79
C GLY A 208 -31.46 -4.84 -23.83
N TYR A 209 -30.74 -5.16 -22.74
CA TYR A 209 -29.29 -5.02 -22.76
C TYR A 209 -28.70 -6.15 -23.53
N SER A 210 -27.48 -5.97 -24.01
CA SER A 210 -26.70 -7.03 -24.57
C SER A 210 -25.99 -7.75 -23.43
N ARG A 211 -25.22 -8.80 -23.75
CA ARG A 211 -24.48 -9.50 -22.74
C ARG A 211 -23.28 -8.73 -22.19
N ALA A 212 -22.79 -7.75 -22.96
CA ALA A 212 -21.76 -6.82 -22.52
C ALA A 212 -22.17 -5.46 -22.96
N ASN A 213 -22.09 -4.50 -22.02
CA ASN A 213 -22.55 -3.13 -22.21
C ASN A 213 -21.60 -2.14 -21.56
N PHE A 214 -21.34 -1.07 -22.28
CA PHE A 214 -20.53 0.04 -21.80
C PHE A 214 -21.50 1.20 -21.73
N VAL A 215 -21.73 1.69 -20.52
CA VAL A 215 -22.72 2.78 -20.29
C VAL A 215 -21.95 4.09 -20.19
N HIS A 216 -22.22 5.01 -21.13
CA HIS A 216 -21.47 6.26 -21.19
C HIS A 216 -22.24 7.42 -20.58
N ASP A 217 -21.71 7.95 -19.49
CA ASP A 217 -22.35 9.03 -18.72
C ASP A 217 -21.29 9.67 -17.86
N PRO A 218 -21.42 10.97 -17.52
CA PRO A 218 -20.35 11.55 -16.74
C PRO A 218 -20.44 11.16 -15.31
N VAL A 219 -21.59 10.70 -14.85
CA VAL A 219 -21.71 10.33 -13.45
C VAL A 219 -21.99 8.84 -13.29
N ASP A 220 -23.01 8.37 -14.01
CA ASP A 220 -23.47 6.98 -13.88
C ASP A 220 -22.96 6.10 -14.98
N TRP A 221 -21.69 6.23 -15.33
CA TRP A 221 -21.02 5.34 -16.25
C TRP A 221 -20.92 3.95 -15.57
N ALA A 222 -20.86 2.89 -16.40
CA ALA A 222 -20.75 1.52 -15.88
C ALA A 222 -20.30 0.56 -16.96
N VAL A 223 -19.82 -0.59 -16.49
CA VAL A 223 -19.70 -1.75 -17.33
C VAL A 223 -20.67 -2.78 -16.77
N VAL A 224 -21.53 -3.31 -17.64
CA VAL A 224 -22.53 -4.28 -17.23
C VAL A 224 -22.33 -5.48 -18.12
N VAL A 225 -21.86 -6.57 -17.52
CA VAL A 225 -21.48 -7.75 -18.28
C VAL A 225 -21.91 -9.01 -17.52
N GLN A 226 -22.44 -10.01 -18.24
CA GLN A 226 -22.85 -11.23 -17.61
C GLN A 226 -21.67 -12.09 -17.17
N LEU A 227 -21.78 -12.69 -15.99
CA LEU A 227 -20.70 -13.50 -15.36
C LEU A 227 -20.82 -14.99 -15.69
N ASP A 228 -22.01 -15.57 -15.59
CA ASP A 228 -22.19 -17.01 -15.86
C ASP A 228 -23.64 -17.32 -16.23
N LYS A 229 -23.92 -18.62 -16.37
CA LYS A 229 -25.23 -19.15 -16.78
C LYS A 229 -26.29 -19.14 -15.65
N THR A 230 -25.92 -18.74 -14.44
CA THR A 230 -26.92 -18.63 -13.34
C THR A 230 -27.78 -17.38 -13.51
N GLY A 231 -27.35 -16.42 -14.33
CA GLY A 231 -28.04 -15.16 -14.51
C GLY A 231 -27.36 -14.08 -13.69
N LEU A 232 -26.16 -14.37 -13.17
CA LEU A 232 -25.41 -13.37 -12.36
C LEU A 232 -24.68 -12.40 -13.29
N TRP A 233 -24.84 -11.10 -13.06
CA TRP A 233 -24.21 -10.03 -13.87
C TRP A 233 -23.24 -9.17 -13.02
N ARG A 234 -22.16 -8.75 -13.63
CA ARG A 234 -21.28 -7.81 -13.02
C ARG A 234 -21.65 -6.39 -13.43
N VAL A 235 -21.88 -5.55 -12.42
CA VAL A 235 -22.17 -4.11 -12.61
C VAL A 235 -21.03 -3.35 -11.94
N CYS A 236 -20.23 -2.68 -12.74
CA CYS A 236 -19.04 -1.93 -12.22
C CYS A 236 -19.30 -0.50 -12.48
N TYR A 237 -19.14 0.31 -11.42
CA TYR A 237 -19.50 1.73 -11.47
C TYR A 237 -18.63 2.58 -10.52
N GLY A 238 -18.80 3.89 -10.59
CA GLY A 238 -18.02 4.86 -9.76
C GLY A 238 -18.79 5.33 -8.55
N GLU A 239 -18.11 5.58 -7.45
CA GLU A 239 -18.73 6.09 -6.26
C GLU A 239 -17.78 7.12 -5.62
N ASP A 240 -18.32 7.99 -4.78
CA ASP A 240 -17.54 9.01 -4.06
C ASP A 240 -16.41 8.28 -3.31
N PRO A 241 -15.16 8.73 -3.47
CA PRO A 241 -14.07 8.05 -2.80
C PRO A 241 -14.04 8.32 -1.29
N ASP A 242 -14.82 9.28 -0.78
CA ASP A 242 -14.61 9.69 0.58
C ASP A 242 -15.37 8.85 1.55
N ILE A 243 -16.47 8.26 1.10
CA ILE A 243 -17.38 7.58 1.99
C ILE A 243 -16.98 6.15 2.43
N SER A 244 -17.61 5.69 3.50
CA SER A 244 -17.34 4.34 3.99
C SER A 244 -17.97 3.28 3.10
N GLU A 245 -17.54 2.03 3.25
CA GLU A 245 -18.15 0.93 2.54
C GLU A 245 -19.63 0.79 2.98
N ALA A 246 -19.91 1.02 4.26
CA ALA A 246 -21.28 1.03 4.73
C ALA A 246 -22.14 2.04 3.93
N GLU A 247 -21.61 3.22 3.68
CA GLU A 247 -22.37 4.26 2.98
C GLU A 247 -22.50 3.91 1.46
N VAL A 248 -21.48 3.29 0.89
CA VAL A 248 -21.59 2.78 -0.51
C VAL A 248 -22.81 1.87 -0.62
N ARG A 249 -22.92 0.92 0.30
CA ARG A 249 -24.03 -0.05 0.32
C ARG A 249 -25.37 0.64 0.49
N ARG A 250 -25.43 1.57 1.41
CA ARG A 250 -26.68 2.33 1.54
C ARG A 250 -27.03 3.12 0.30
N ARG A 251 -26.04 3.56 -0.45
CA ARG A 251 -26.31 4.34 -1.68
C ARG A 251 -26.75 3.51 -2.90
N LEU A 252 -26.45 2.21 -2.87
CA LEU A 252 -26.72 1.36 -4.02
C LEU A 252 -28.14 1.36 -4.57
N PRO A 253 -29.19 1.24 -3.72
CA PRO A 253 -30.52 1.19 -4.26
C PRO A 253 -30.87 2.40 -5.15
N GLU A 254 -30.48 3.59 -4.71
CA GLU A 254 -30.82 4.77 -5.50
C GLU A 254 -29.97 4.85 -6.76
N ARG A 255 -28.71 4.48 -6.65
CA ARG A 255 -27.84 4.40 -7.84
C ARG A 255 -28.43 3.41 -8.87
N PHE A 256 -28.90 2.26 -8.40
CA PHE A 256 -29.45 1.25 -9.31
C PHE A 256 -30.74 1.69 -10.06
N LYS A 257 -31.40 2.78 -9.60
CA LYS A 257 -32.48 3.37 -10.33
C LYS A 257 -32.04 3.88 -11.65
N ARG A 258 -30.73 4.13 -11.78
CA ARG A 258 -30.16 4.54 -13.06
C ARG A 258 -29.25 3.49 -13.70
N LEU A 259 -28.47 2.81 -12.90
CA LEU A 259 -27.54 1.83 -13.47
C LEU A 259 -28.24 0.55 -14.04
N LEU A 260 -29.42 0.22 -13.55
CA LEU A 260 -30.14 -0.92 -14.11
C LEU A 260 -31.22 -0.41 -15.01
N PRO A 261 -31.46 -1.06 -16.18
CA PRO A 261 -32.52 -0.55 -17.04
C PRO A 261 -33.85 -0.86 -16.46
N GLY A 262 -34.82 0.00 -16.75
CA GLY A 262 -36.16 -0.14 -16.22
C GLY A 262 -36.34 0.53 -14.87
N ALA A 263 -35.34 1.26 -14.37
CA ALA A 263 -35.44 1.90 -13.07
C ALA A 263 -36.05 0.98 -12.00
N PRO A 264 -35.46 -0.22 -11.78
CA PRO A 264 -36.06 -1.13 -10.81
C PRO A 264 -36.01 -0.64 -9.34
N THR A 265 -37.07 -0.99 -8.63
CA THR A 265 -37.15 -0.99 -7.17
C THR A 265 -36.36 -2.19 -6.64
N PRO A 266 -35.95 -2.16 -5.37
CA PRO A 266 -35.08 -3.19 -4.85
C PRO A 266 -35.64 -4.62 -5.02
N ASP A 267 -36.97 -4.75 -5.00
CA ASP A 267 -37.58 -6.05 -5.05
C ASP A 267 -37.37 -6.74 -6.40
N GLN A 268 -36.84 -6.03 -7.39
CA GLN A 268 -36.70 -6.62 -8.76
C GLN A 268 -35.31 -7.20 -9.02
N TYR A 269 -34.40 -7.09 -8.06
CA TYR A 269 -33.03 -7.57 -8.26
C TYR A 269 -32.43 -8.07 -6.96
N ARG A 270 -31.38 -8.88 -7.03
CA ARG A 270 -30.68 -9.33 -5.81
C ARG A 270 -29.25 -9.04 -5.98
N VAL A 271 -28.67 -8.29 -5.05
CA VAL A 271 -27.23 -8.04 -5.07
C VAL A 271 -26.55 -9.20 -4.39
N ASP A 272 -25.69 -9.94 -5.08
CA ASP A 272 -25.05 -11.14 -4.52
C ASP A 272 -23.77 -10.80 -3.81
N TYR A 273 -23.14 -9.68 -4.21
CA TYR A 273 -21.79 -9.31 -3.80
C TYR A 273 -21.54 -7.84 -4.12
N LEU A 274 -20.83 -7.17 -3.24
CA LEU A 274 -20.46 -5.80 -3.50
C LEU A 274 -19.08 -5.53 -2.89
N ASN A 275 -18.24 -4.92 -3.66
CA ASN A 275 -16.89 -4.61 -3.24
C ASN A 275 -16.34 -3.36 -3.88
N PRO A 276 -16.13 -2.32 -3.07
CA PRO A 276 -15.46 -1.16 -3.59
C PRO A 276 -13.97 -1.48 -3.70
N TYR A 277 -13.29 -0.92 -4.69
CA TYR A 277 -11.92 -1.32 -4.89
C TYR A 277 -11.28 -0.24 -5.77
N ARG A 278 -9.98 -0.23 -5.74
CA ARG A 278 -9.14 0.63 -6.58
C ARG A 278 -8.11 -0.28 -7.18
N VAL A 279 -7.64 0.07 -8.36
CA VAL A 279 -6.63 -0.70 -9.12
C VAL A 279 -5.48 0.26 -9.52
N HIS A 280 -4.22 -0.24 -9.54
CA HIS A 280 -3.14 0.45 -10.29
C HIS A 280 -2.94 -0.13 -11.70
N GLN A 281 -2.90 0.74 -12.69
CA GLN A 281 -2.21 0.44 -13.94
C GLN A 281 -0.70 0.46 -13.80
N ARG A 282 -0.04 -0.24 -14.70
CA ARG A 282 1.42 -0.40 -14.64
C ARG A 282 1.87 -1.32 -15.78
N CYS A 283 3.16 -1.23 -16.10
CA CYS A 283 3.81 -2.08 -17.07
C CYS A 283 5.20 -2.25 -16.61
N ALA A 284 5.64 -3.49 -16.45
CA ALA A 284 7.05 -3.68 -16.07
C ALA A 284 7.97 -3.21 -17.16
N ALA A 285 9.15 -2.72 -16.77
CA ALA A 285 10.07 -2.12 -17.75
C ALA A 285 10.64 -3.20 -18.67
N GLU A 286 10.80 -4.41 -18.13
CA GLU A 286 11.14 -5.57 -18.86
C GLU A 286 10.39 -6.78 -18.24
N PHE A 287 10.00 -7.72 -19.07
CA PHE A 287 9.18 -8.85 -18.64
C PHE A 287 10.04 -9.99 -18.29
N ARG A 288 11.29 -9.92 -18.26
CA ARG A 288 12.17 -10.98 -17.79
C ARG A 288 13.35 -10.38 -17.05
N ARG A 289 13.73 -11.03 -15.95
CA ARG A 289 14.96 -10.71 -15.21
C ARG A 289 15.67 -12.02 -14.96
N GLY A 290 16.68 -12.31 -15.77
CA GLY A 290 17.38 -13.59 -15.68
C GLY A 290 16.47 -14.76 -15.97
N ARG A 291 16.25 -15.61 -14.96
CA ARG A 291 15.46 -16.81 -15.14
C ARG A 291 14.03 -16.67 -14.64
N VAL A 292 13.62 -15.47 -14.23
CA VAL A 292 12.25 -15.18 -13.85
C VAL A 292 11.61 -14.36 -14.97
N ILE A 293 10.49 -14.89 -15.49
CA ILE A 293 9.74 -14.23 -16.60
C ILE A 293 8.30 -13.91 -16.16
N LEU A 294 7.88 -12.69 -16.46
CA LEU A 294 6.55 -12.18 -16.06
C LEU A 294 5.55 -12.36 -17.19
N ALA A 295 4.33 -12.68 -16.82
CA ALA A 295 3.21 -12.66 -17.76
C ALA A 295 1.95 -12.18 -17.07
N GLY A 296 0.99 -11.72 -17.87
CA GLY A 296 -0.32 -11.34 -17.30
C GLY A 296 -0.23 -10.29 -16.23
N ASP A 297 -0.98 -10.50 -15.13
CA ASP A 297 -1.06 -9.50 -14.06
C ASP A 297 0.29 -9.23 -13.37
N ALA A 298 1.24 -10.16 -13.44
CA ALA A 298 2.56 -9.87 -12.87
C ALA A 298 3.31 -8.83 -13.76
N ALA A 299 3.01 -8.79 -15.06
CA ALA A 299 3.70 -7.94 -16.00
C ALA A 299 3.05 -6.57 -16.19
N HIS A 300 1.72 -6.52 -16.18
CA HIS A 300 1.03 -5.30 -16.60
C HIS A 300 -0.44 -5.33 -16.20
N ALA A 301 -1.03 -4.16 -16.14
CA ALA A 301 -2.46 -4.04 -15.91
C ALA A 301 -2.91 -2.76 -16.57
N THR A 302 -4.08 -2.86 -17.17
CA THR A 302 -4.56 -1.79 -18.04
C THR A 302 -5.53 -1.00 -17.19
N ASN A 303 -5.98 0.15 -17.70
CA ASN A 303 -7.10 0.76 -16.99
C ASN A 303 -8.30 -0.26 -16.80
N PRO A 304 -8.85 -0.31 -15.61
CA PRO A 304 -9.83 -1.42 -15.31
C PRO A 304 -11.19 -1.32 -16.04
N MET A 305 -11.72 -0.11 -16.11
CA MET A 305 -13.02 0.17 -16.76
C MET A 305 -13.03 0.12 -18.32
N GLY A 306 -11.95 0.43 -19.00
CA GLY A 306 -11.90 0.29 -20.49
C GLY A 306 -11.22 -0.98 -21.01
N GLY A 307 -10.82 -1.88 -20.11
CA GLY A 307 -9.95 -2.98 -20.47
C GLY A 307 -10.67 -4.31 -20.71
N LEU A 308 -11.98 -4.28 -20.84
CA LEU A 308 -12.71 -5.52 -21.06
C LEU A 308 -12.22 -6.27 -22.29
N GLY A 309 -11.76 -7.50 -22.10
CA GLY A 309 -11.18 -8.27 -23.17
C GLY A 309 -9.80 -7.93 -23.66
N LEU A 310 -9.17 -6.95 -23.03
CA LEU A 310 -7.83 -6.47 -23.47
C LEU A 310 -6.73 -6.79 -22.44
N SER A 311 -6.95 -7.74 -21.52
CA SER A 311 -5.93 -8.00 -20.48
C SER A 311 -4.63 -8.59 -21.12
N GLY A 312 -4.79 -9.27 -22.27
CA GLY A 312 -3.69 -9.90 -22.99
C GLY A 312 -3.09 -11.13 -22.34
N GLY A 313 -3.69 -11.61 -21.26
CA GLY A 313 -3.12 -12.68 -20.48
C GLY A 313 -2.96 -14.03 -21.19
N VAL A 314 -3.95 -14.43 -21.95
CA VAL A 314 -3.96 -15.71 -22.62
C VAL A 314 -2.86 -15.75 -23.67
N LEU A 315 -2.74 -14.67 -24.45
CA LEU A 315 -1.75 -14.62 -25.48
C LEU A 315 -0.32 -14.39 -24.91
N ASP A 316 -0.20 -13.70 -23.79
CA ASP A 316 1.06 -13.70 -23.02
C ASP A 316 1.50 -15.16 -22.67
N ALA A 317 0.60 -15.90 -22.02
CA ALA A 317 0.85 -17.26 -21.65
C ALA A 317 1.26 -18.14 -22.82
N GLU A 318 0.62 -17.98 -23.97
CA GLU A 318 0.92 -18.83 -25.09
C GLU A 318 2.36 -18.57 -25.58
N HIS A 319 2.66 -17.29 -25.75
CA HIS A 319 4.01 -16.91 -26.21
C HIS A 319 5.07 -17.32 -25.17
N LEU A 320 4.79 -17.10 -23.90
CA LEU A 320 5.75 -17.44 -22.86
C LEU A 320 6.07 -18.95 -22.86
N ALA A 321 5.04 -19.80 -22.90
CA ALA A 321 5.25 -21.24 -22.95
C ALA A 321 6.02 -21.65 -24.19
N GLU A 322 5.68 -21.06 -25.33
CA GLU A 322 6.41 -21.37 -26.56
C GLU A 322 7.93 -21.07 -26.45
N ALA A 323 8.28 -19.90 -25.91
CA ALA A 323 9.62 -19.50 -25.76
C ALA A 323 10.37 -20.39 -24.78
N LEU A 324 9.73 -20.76 -23.68
CA LEU A 324 10.34 -21.67 -22.68
C LEU A 324 10.53 -23.06 -23.22
N ILE A 325 9.55 -23.57 -23.95
CA ILE A 325 9.71 -24.81 -24.63
C ILE A 325 10.96 -24.77 -25.56
N ALA A 326 11.13 -23.68 -26.32
CA ALA A 326 12.22 -23.61 -27.29
C ALA A 326 13.55 -23.71 -26.54
N VAL A 327 13.67 -22.97 -25.43
CA VAL A 327 14.85 -23.07 -24.57
C VAL A 327 15.04 -24.46 -23.98
N ILE A 328 14.00 -24.97 -23.32
CA ILE A 328 14.16 -26.17 -22.53
C ILE A 328 14.27 -27.40 -23.38
N LYS A 329 13.49 -27.49 -24.43
CA LYS A 329 13.45 -28.70 -25.21
C LYS A 329 14.20 -28.62 -26.52
N GLU A 330 14.45 -27.43 -27.05
CA GLU A 330 14.89 -27.32 -28.45
C GLU A 330 16.26 -26.63 -28.51
N GLY A 331 16.88 -26.41 -27.35
CA GLY A 331 18.21 -25.83 -27.25
C GLY A 331 18.35 -24.34 -27.46
N ALA A 332 17.23 -23.64 -27.70
CA ALA A 332 17.30 -22.29 -28.26
C ALA A 332 18.04 -21.43 -27.30
N SER A 333 18.58 -20.32 -27.80
CA SER A 333 19.20 -19.40 -26.88
C SER A 333 18.09 -18.63 -26.18
N THR A 334 18.43 -18.09 -25.02
CA THR A 334 17.53 -17.22 -24.28
C THR A 334 17.11 -15.94 -25.05
N LYS A 335 17.60 -15.74 -26.25
CA LYS A 335 17.10 -14.61 -27.03
C LYS A 335 15.59 -14.73 -27.35
N VAL A 336 15.06 -15.95 -27.40
CA VAL A 336 13.62 -16.14 -27.57
C VAL A 336 12.82 -15.56 -26.42
N LEU A 337 13.43 -15.53 -25.24
CA LEU A 337 12.79 -14.99 -24.06
C LEU A 337 12.82 -13.49 -24.07
N ASP A 338 13.86 -12.92 -24.66
CA ASP A 338 13.94 -11.48 -24.84
C ASP A 338 12.92 -11.04 -25.85
N GLU A 339 12.76 -11.84 -26.88
CA GLU A 339 11.77 -11.61 -27.93
C GLU A 339 10.29 -11.65 -27.40
N TYR A 340 9.98 -12.64 -26.56
CA TYR A 340 8.74 -12.65 -25.75
C TYR A 340 8.52 -11.32 -25.05
N SER A 341 9.52 -10.85 -24.31
CA SER A 341 9.37 -9.60 -23.54
C SER A 341 9.07 -8.44 -24.48
N VAL A 342 9.86 -8.31 -25.53
CA VAL A 342 9.67 -7.17 -26.47
C VAL A 342 8.29 -7.25 -27.13
N ASP A 343 7.89 -8.42 -27.60
CA ASP A 343 6.59 -8.61 -28.28
C ASP A 343 5.41 -8.28 -27.36
N ARG A 344 5.36 -8.90 -26.20
CA ARG A 344 4.20 -8.75 -25.28
C ARG A 344 4.14 -7.34 -24.67
N ARG A 345 5.30 -6.76 -24.39
CA ARG A 345 5.33 -5.39 -23.83
C ARG A 345 4.88 -4.40 -24.92
N LYS A 346 5.24 -4.68 -26.17
CA LYS A 346 4.80 -3.79 -27.26
C LYS A 346 3.27 -3.84 -27.39
N VAL A 347 2.69 -5.03 -27.31
CA VAL A 347 1.21 -5.19 -27.41
C VAL A 347 0.55 -4.30 -26.35
N PHE A 348 1.07 -4.33 -25.12
CA PHE A 348 0.49 -3.53 -24.02
C PHE A 348 0.62 -2.03 -24.26
N LEU A 349 1.85 -1.57 -24.50
CA LEU A 349 2.17 -0.14 -24.65
C LEU A 349 1.55 0.44 -25.93
N GLU A 350 1.59 -0.35 -27.03
CA GLU A 350 1.14 0.18 -28.31
C GLU A 350 -0.38 0.05 -28.52
N PHE A 351 -0.99 -0.98 -27.89
CA PHE A 351 -2.41 -1.26 -28.18
C PHE A 351 -3.31 -1.33 -26.95
N THR A 352 -3.10 -2.31 -26.09
CA THR A 352 -3.95 -2.59 -24.91
C THR A 352 -4.11 -1.37 -23.98
N SER A 353 -3.01 -0.76 -23.56
CA SER A 353 -3.06 0.36 -22.60
C SER A 353 -3.74 1.60 -23.21
N PRO A 354 -3.31 2.11 -24.37
CA PRO A 354 -3.93 3.28 -24.98
C PRO A 354 -5.41 3.05 -25.31
N THR A 355 -5.76 1.86 -25.75
CA THR A 355 -7.16 1.54 -26.08
C THR A 355 -8.01 1.58 -24.81
N ALA A 356 -7.57 0.88 -23.78
CA ALA A 356 -8.32 0.84 -22.55
C ALA A 356 -8.43 2.26 -21.96
N THR A 357 -7.35 3.02 -22.09
CA THR A 357 -7.39 4.43 -21.62
C THR A 357 -8.42 5.29 -22.42
N ALA A 358 -8.40 5.17 -23.72
CA ALA A 358 -9.35 5.92 -24.56
C ALA A 358 -10.83 5.49 -24.30
N ASN A 359 -11.07 4.18 -24.16
CA ASN A 359 -12.38 3.64 -23.80
C ASN A 359 -12.92 4.31 -22.54
N PHE A 360 -12.09 4.38 -21.51
CA PHE A 360 -12.59 4.95 -20.28
C PHE A 360 -12.81 6.50 -20.38
N THR A 361 -11.92 7.19 -21.08
CA THR A 361 -12.09 8.62 -21.30
C THR A 361 -13.41 8.95 -21.99
N TRP A 362 -13.70 8.21 -23.04
CA TRP A 362 -14.98 8.34 -23.72
C TRP A 362 -16.12 8.05 -22.78
N MET A 363 -15.98 6.98 -22.03
CA MET A 363 -17.02 6.56 -21.13
C MET A 363 -17.46 7.68 -20.17
N LYS A 364 -16.50 8.33 -19.57
CA LYS A 364 -16.80 9.26 -18.52
C LYS A 364 -16.78 10.72 -18.97
N GLU A 365 -16.62 10.98 -20.25
CA GLU A 365 -16.54 12.38 -20.75
C GLU A 365 -17.66 13.28 -20.17
N SER A 366 -17.28 14.44 -19.60
CA SER A 366 -18.26 15.32 -18.95
C SER A 366 -18.56 16.64 -19.69
N ASP A 367 -17.81 16.94 -20.72
CA ASP A 367 -18.09 18.08 -21.52
C ASP A 367 -19.19 17.77 -22.52
N PRO A 368 -20.34 18.44 -22.39
CA PRO A 368 -21.49 18.08 -23.22
C PRO A 368 -21.25 18.14 -24.71
N ALA A 369 -20.49 19.11 -25.16
CA ALA A 369 -20.14 19.21 -26.57
C ALA A 369 -19.22 18.06 -27.03
N GLN A 370 -18.25 17.68 -26.22
CA GLN A 370 -17.39 16.60 -26.60
C GLN A 370 -18.19 15.28 -26.60
N ARG A 371 -19.11 15.15 -25.64
CA ARG A 371 -19.94 13.98 -25.58
C ARG A 371 -20.76 13.83 -26.85
N ALA A 372 -21.31 14.95 -27.33
CA ALA A 372 -22.16 14.89 -28.52
C ALA A 372 -21.31 14.46 -29.70
N ARG A 373 -20.08 14.94 -29.79
CA ARG A 373 -19.19 14.48 -30.86
C ARG A 373 -18.84 13.02 -30.74
N ASP A 374 -18.50 12.57 -29.51
CA ASP A 374 -18.17 11.20 -29.29
C ASP A 374 -19.38 10.35 -29.67
N ASN A 375 -20.57 10.76 -29.29
CA ASN A 375 -21.75 9.95 -29.58
C ASN A 375 -22.04 9.86 -31.08
N ALA A 376 -21.73 10.95 -31.80
CA ALA A 376 -21.86 10.90 -33.26
C ALA A 376 -20.89 9.89 -33.86
N MET A 377 -19.69 9.84 -33.33
CA MET A 377 -18.68 8.83 -33.74
C MET A 377 -19.20 7.40 -33.47
N PHE A 378 -19.67 7.14 -32.25
CA PHE A 378 -20.16 5.78 -31.92
C PHE A 378 -21.38 5.40 -32.75
N ASP A 379 -22.27 6.37 -32.97
CA ASP A 379 -23.49 6.18 -33.71
C ASP A 379 -23.12 5.74 -35.14
N HIS A 380 -22.18 6.44 -35.73
CA HIS A 380 -21.65 6.10 -37.07
C HIS A 380 -21.07 4.68 -37.08
N ALA A 381 -20.18 4.39 -36.15
CA ALA A 381 -19.54 3.07 -36.06
C ALA A 381 -20.54 1.94 -35.88
N GLY A 382 -21.67 2.23 -35.25
CA GLY A 382 -22.70 1.25 -35.07
C GLY A 382 -23.64 1.07 -36.25
N LYS A 383 -23.61 1.97 -37.22
CA LYS A 383 -24.48 1.88 -38.38
C LYS A 383 -23.74 1.54 -39.70
N ASP A 384 -22.49 1.89 -39.82
CA ASP A 384 -21.71 1.55 -40.98
C ASP A 384 -20.96 0.24 -40.72
N LEU A 385 -21.43 -0.84 -41.32
CA LEU A 385 -20.89 -2.13 -40.98
C LEU A 385 -19.45 -2.33 -41.39
N LYS A 386 -18.96 -1.63 -42.42
CA LYS A 386 -17.53 -1.67 -42.75
C LYS A 386 -16.69 -1.03 -41.67
N VAL A 387 -17.18 0.05 -41.10
CA VAL A 387 -16.44 0.73 -40.02
C VAL A 387 -16.53 -0.10 -38.76
N MET A 388 -17.69 -0.68 -38.53
CA MET A 388 -17.85 -1.64 -37.39
C MET A 388 -16.85 -2.79 -37.48
N ARG A 389 -16.73 -3.37 -38.67
CA ARG A 389 -15.78 -4.41 -38.95
C ARG A 389 -14.35 -3.96 -38.69
N GLU A 390 -13.92 -2.78 -39.17
CA GLU A 390 -12.56 -2.37 -38.92
C GLU A 390 -12.26 -2.26 -37.44
N ILE A 391 -13.21 -1.72 -36.70
CA ILE A 391 -13.05 -1.57 -35.28
C ILE A 391 -12.92 -2.95 -34.58
N LEU A 392 -13.77 -3.91 -34.93
CA LEU A 392 -13.74 -5.22 -34.28
C LEU A 392 -12.50 -6.03 -34.70
N LEU A 393 -12.05 -5.79 -35.92
CA LEU A 393 -10.79 -6.39 -36.35
C LEU A 393 -9.57 -5.88 -35.61
N ASP A 394 -9.64 -4.68 -35.05
CA ASP A 394 -8.55 -4.11 -34.25
C ASP A 394 -8.07 -4.99 -33.14
N PHE A 395 -8.99 -5.76 -32.54
CA PHE A 395 -8.62 -6.69 -31.47
C PHE A 395 -7.55 -7.72 -31.89
N GLU A 396 -7.36 -7.94 -33.18
CA GLU A 396 -6.28 -8.83 -33.66
C GLU A 396 -4.87 -8.34 -33.22
N LYS A 397 -4.77 -7.07 -32.89
CA LYS A 397 -3.53 -6.53 -32.39
C LYS A 397 -3.13 -7.11 -31.04
N LEU A 398 -4.04 -7.76 -30.35
CA LEU A 398 -3.68 -8.58 -29.18
C LEU A 398 -2.61 -9.60 -29.50
N ASN A 399 -2.54 -10.04 -30.75
CA ASN A 399 -1.57 -11.07 -31.20
C ASN A 399 -0.16 -10.51 -31.37
N GLY A 400 0.00 -9.25 -31.54
CA GLY A 400 1.32 -8.73 -31.79
C GLY A 400 1.84 -9.12 -33.16
N ARG A 401 3.15 -9.35 -33.25
CA ARG A 401 3.77 -9.76 -34.50
C ARG A 401 4.02 -11.26 -34.58
N ARG A 402 3.77 -12.00 -33.52
CA ARG A 402 3.97 -13.45 -33.49
C ARG A 402 2.98 -14.14 -34.42
N MET B 9 35.06 -1.39 39.69
CA MET B 9 33.84 -0.68 39.20
C MET B 9 33.04 -1.60 38.30
N GLU B 10 31.72 -1.40 38.26
CA GLU B 10 30.90 -2.16 37.33
C GLU B 10 31.27 -1.75 35.89
N THR B 11 31.70 -2.72 35.10
CA THR B 11 32.12 -2.46 33.76
C THR B 11 31.26 -3.24 32.79
N ILE B 12 30.61 -2.54 31.85
CA ILE B 12 29.78 -3.13 30.81
C ILE B 12 30.56 -3.20 29.49
N GLU B 13 30.92 -4.42 29.07
CA GLU B 13 31.66 -4.63 27.82
C GLU B 13 30.64 -4.65 26.71
N GLY B 14 30.11 -3.47 26.39
CA GLY B 14 28.92 -3.34 25.56
C GLY B 14 28.37 -1.93 25.74
N VAL B 15 27.04 -1.82 25.74
CA VAL B 15 26.37 -0.54 25.56
C VAL B 15 25.46 -0.24 26.73
N VAL B 16 25.57 0.94 27.27
CA VAL B 16 24.57 1.39 28.19
C VAL B 16 23.66 2.32 27.36
N VAL B 17 22.38 2.00 27.38
CA VAL B 17 21.37 2.89 26.78
C VAL B 17 20.76 3.76 27.87
N VAL B 18 20.76 5.05 27.66
CA VAL B 18 20.09 5.92 28.59
C VAL B 18 18.74 6.43 28.00
N GLY B 19 17.66 6.06 28.68
CA GLY B 19 16.24 6.44 28.32
C GLY B 19 15.53 5.18 27.94
N GLY B 20 14.39 4.89 28.59
CA GLY B 20 13.62 3.70 28.27
C GLY B 20 12.32 3.96 27.55
N GLY B 21 12.32 4.97 26.67
CA GLY B 21 11.23 5.17 25.71
C GLY B 21 11.42 4.27 24.52
N PRO B 22 10.47 4.29 23.56
CA PRO B 22 10.62 3.33 22.48
C PRO B 22 11.98 3.42 21.80
N VAL B 23 12.55 4.61 21.72
CA VAL B 23 13.79 4.76 20.95
C VAL B 23 14.96 4.03 21.64
N GLY B 24 15.02 4.21 22.93
CA GLY B 24 15.98 3.47 23.76
C GLY B 24 15.74 1.99 23.79
N LEU B 25 14.50 1.58 23.88
CA LEU B 25 14.19 0.13 23.92
C LEU B 25 14.47 -0.56 22.60
N LEU B 26 14.18 0.11 21.50
CA LEU B 26 14.49 -0.40 20.18
C LEU B 26 16.00 -0.58 19.95
N THR B 27 16.77 0.43 20.36
CA THR B 27 18.18 0.38 20.22
C THR B 27 18.67 -0.85 21.01
N ALA B 28 18.21 -0.97 22.24
CA ALA B 28 18.60 -2.12 23.05
C ALA B 28 18.20 -3.48 22.47
N LEU B 29 17.02 -3.56 21.88
CA LEU B 29 16.54 -4.78 21.26
C LEU B 29 17.41 -5.22 20.11
N LYS B 30 17.70 -4.32 19.17
CA LYS B 30 18.47 -4.73 18.04
C LYS B 30 19.92 -5.03 18.48
N LEU B 31 20.47 -4.23 19.39
CA LEU B 31 21.77 -4.59 20.00
C LEU B 31 21.73 -5.99 20.64
N GLY B 32 20.72 -6.20 21.47
CA GLY B 32 20.59 -7.39 22.30
C GLY B 32 20.51 -8.62 21.41
N LYS B 33 19.72 -8.54 20.35
CA LYS B 33 19.55 -9.69 19.51
C LYS B 33 20.79 -10.10 18.74
N ALA B 34 21.66 -9.15 18.49
CA ALA B 34 22.92 -9.42 17.88
C ALA B 34 23.97 -9.96 18.88
N GLY B 35 23.63 -10.10 20.15
CA GLY B 35 24.55 -10.58 21.13
C GLY B 35 25.27 -9.51 21.91
N VAL B 36 25.03 -8.24 21.65
CA VAL B 36 25.73 -7.25 22.40
C VAL B 36 25.15 -7.18 23.81
N ARG B 37 25.99 -6.96 24.80
CA ARG B 37 25.48 -6.79 26.17
C ARG B 37 24.94 -5.39 26.34
N VAL B 38 23.72 -5.29 26.87
CA VAL B 38 23.11 -3.98 27.04
C VAL B 38 22.54 -3.80 28.42
N VAL B 39 22.73 -2.60 28.95
CA VAL B 39 22.07 -2.18 30.19
C VAL B 39 21.33 -0.87 29.88
N VAL B 40 20.04 -0.86 30.10
CA VAL B 40 19.19 0.30 29.90
C VAL B 40 18.99 0.98 31.23
N LEU B 41 19.36 2.24 31.33
CA LEU B 41 19.04 3.04 32.50
C LEU B 41 17.87 3.94 32.16
N GLU B 42 16.74 3.78 32.88
CA GLU B 42 15.59 4.70 32.72
C GLU B 42 15.21 5.35 34.01
N SER B 43 15.08 6.67 33.89
CA SER B 43 14.57 7.55 34.93
C SER B 43 13.35 6.92 35.60
N GLU B 44 12.25 6.85 34.83
CA GLU B 44 10.90 6.56 35.34
C GLU B 44 10.72 5.01 35.57
N SER B 45 9.79 4.70 36.49
CA SER B 45 9.61 3.32 37.05
C SER B 45 8.98 2.29 36.12
N GLY B 46 8.51 2.70 34.93
CA GLY B 46 7.91 1.77 33.96
C GLY B 46 7.75 2.32 32.55
N ARG B 52 2.90 10.80 22.97
CA ARG B 52 3.90 11.58 22.16
C ARG B 52 4.03 10.96 20.76
N ALA B 53 5.12 10.29 20.38
CA ALA B 53 5.12 9.66 19.03
C ALA B 53 4.06 8.56 19.04
N VAL B 54 3.06 8.62 18.16
CA VAL B 54 1.94 7.62 18.17
C VAL B 54 1.62 7.08 16.75
N ALA B 55 2.22 7.64 15.69
CA ALA B 55 1.90 7.23 14.30
C ALA B 55 3.09 6.65 13.55
N TYR B 56 2.88 5.54 12.85
CA TYR B 56 3.93 4.87 12.11
C TYR B 56 3.57 4.78 10.63
N MET B 57 4.30 5.53 9.81
CA MET B 57 4.14 5.58 8.35
C MET B 57 4.87 4.41 7.70
N PRO B 58 4.68 4.21 6.39
CA PRO B 58 5.22 2.98 5.82
C PRO B 58 6.71 2.69 6.01
N PRO B 59 7.57 3.69 5.87
CA PRO B 59 9.01 3.34 6.09
C PRO B 59 9.33 2.89 7.52
N THR B 60 8.61 3.44 8.48
CA THR B 60 8.80 3.12 9.87
C THR B 60 8.21 1.72 10.17
N ALA B 61 7.09 1.38 9.53
CA ALA B 61 6.56 0.06 9.64
C ALA B 61 7.56 -0.94 9.08
N ALA B 62 8.18 -0.59 7.98
CA ALA B 62 9.20 -1.48 7.39
C ALA B 62 10.31 -1.71 8.41
N ALA B 63 10.78 -0.64 9.05
CA ALA B 63 11.78 -0.75 10.15
C ALA B 63 11.28 -1.63 11.32
N LEU B 64 10.05 -1.42 11.75
CA LEU B 64 9.50 -2.27 12.83
C LEU B 64 9.52 -3.76 12.40
N ASP B 65 9.27 -4.01 11.11
CA ASP B 65 9.28 -5.40 10.62
C ASP B 65 10.70 -5.97 10.71
N ARG B 66 11.71 -5.19 10.34
CA ARG B 66 13.12 -5.63 10.51
C ARG B 66 13.48 -5.87 11.95
N PHE B 67 12.93 -5.12 12.88
CA PHE B 67 13.18 -5.40 14.32
C PHE B 67 12.46 -6.67 14.82
N GLY B 68 11.54 -7.22 14.03
CA GLY B 68 10.75 -8.40 14.42
C GLY B 68 9.53 -8.07 15.29
N LEU B 69 9.13 -6.81 15.24
CA LEU B 69 8.09 -6.28 16.13
C LEU B 69 6.73 -6.03 15.47
N LEU B 70 6.67 -6.04 14.15
CA LEU B 70 5.51 -5.52 13.45
C LEU B 70 4.27 -6.36 13.70
N ASP B 71 4.38 -7.69 13.65
CA ASP B 71 3.26 -8.55 13.88
C ASP B 71 2.61 -8.22 15.23
N ASP B 72 3.43 -8.03 16.25
CA ASP B 72 2.85 -7.81 17.56
C ASP B 72 2.25 -6.42 17.58
N ILE B 73 2.95 -5.45 17.00
CA ILE B 73 2.40 -4.07 16.96
C ILE B 73 1.03 -4.01 16.21
N ARG B 74 0.98 -4.70 15.06
CA ARG B 74 -0.23 -4.69 14.23
C ARG B 74 -1.42 -5.29 14.96
N LYS B 75 -1.16 -6.27 15.88
CA LYS B 75 -2.25 -6.85 16.68
C LYS B 75 -2.96 -5.82 17.53
N ARG B 76 -2.24 -4.81 17.95
CA ARG B 76 -2.72 -3.84 18.86
C ARG B 76 -3.07 -2.50 18.21
N ALA B 77 -2.40 -2.19 17.13
CA ALA B 77 -2.55 -0.89 16.51
C ALA B 77 -3.90 -0.67 15.82
N VAL B 78 -4.25 0.60 15.71
CA VAL B 78 -5.35 1.02 14.87
C VAL B 78 -4.85 1.14 13.44
N TRP B 79 -5.45 0.37 12.58
CA TRP B 79 -5.14 0.44 11.18
C TRP B 79 -5.73 1.71 10.56
N CYS B 80 -4.92 2.47 9.87
CA CYS B 80 -5.33 3.82 9.43
C CYS B 80 -5.03 3.90 7.93
N PRO B 81 -5.98 3.59 7.09
CA PRO B 81 -5.69 3.52 5.64
C PRO B 81 -5.62 4.89 4.99
N ASP B 82 -6.07 5.92 5.70
CA ASP B 82 -6.13 7.25 5.15
C ASP B 82 -6.01 8.30 6.23
N PHE B 83 -5.84 9.55 5.85
CA PHE B 83 -5.89 10.59 6.82
C PHE B 83 -6.52 11.81 6.17
N ALA B 84 -7.06 12.68 7.01
CA ALA B 84 -7.84 13.80 6.54
C ALA B 84 -7.32 15.14 6.98
N TYR B 85 -7.48 16.14 6.10
CA TYR B 85 -7.40 17.53 6.47
C TYR B 85 -8.82 18.02 6.57
N ARG B 86 -9.12 18.72 7.63
CA ARG B 86 -10.49 19.18 7.91
C ARG B 86 -10.51 20.64 8.31
N HIS B 87 -11.60 21.31 7.95
CA HIS B 87 -11.83 22.64 8.54
C HIS B 87 -12.25 22.49 10.04
N GLY B 88 -12.32 23.60 10.75
CA GLY B 88 -12.76 23.62 12.16
C GLY B 88 -14.10 23.01 12.42
N ASN B 89 -15.01 23.13 11.43
CA ASN B 89 -16.35 22.54 11.50
C ASN B 89 -16.40 21.08 11.13
N GLY B 90 -15.25 20.46 10.93
CA GLY B 90 -15.28 19.07 10.62
C GLY B 90 -15.34 18.74 9.15
N GLU B 91 -15.76 19.70 8.29
CA GLU B 91 -15.86 19.45 6.84
C GLU B 91 -14.47 19.10 6.24
N LEU B 92 -14.49 18.13 5.33
CA LEU B 92 -13.31 17.60 4.73
C LEU B 92 -12.68 18.66 3.83
N ILE B 93 -11.39 18.89 3.98
CA ILE B 93 -10.66 19.63 2.96
C ILE B 93 -10.07 18.66 1.94
N ALA B 94 -9.46 17.56 2.41
CA ALA B 94 -8.84 16.58 1.55
C ALA B 94 -8.56 15.32 2.33
N LYS B 95 -8.65 14.20 1.65
CA LYS B 95 -8.32 12.95 2.24
C LYS B 95 -7.12 12.34 1.46
N MET B 96 -6.12 11.82 2.14
CA MET B 96 -4.95 11.17 1.50
C MET B 96 -5.05 9.68 1.77
N ASP B 97 -4.84 8.85 0.75
CA ASP B 97 -5.13 7.43 0.86
C ASP B 97 -3.88 6.59 0.66
N TRP B 98 -3.40 5.97 1.74
CA TRP B 98 -2.17 5.17 1.65
C TRP B 98 -2.20 4.03 0.62
N ALA B 99 -3.36 3.50 0.30
CA ALA B 99 -3.45 2.47 -0.72
C ALA B 99 -2.89 2.93 -2.08
N VAL B 100 -2.77 4.24 -2.32
CA VAL B 100 -2.13 4.70 -3.54
C VAL B 100 -0.68 4.18 -3.66
N LEU B 101 -0.08 3.75 -2.52
CA LEU B 101 1.30 3.26 -2.50
C LEU B 101 1.41 1.73 -2.60
N ALA B 102 0.32 1.06 -2.83
CA ALA B 102 0.31 -0.39 -2.86
C ALA B 102 1.33 -1.04 -3.80
N GLN B 103 1.82 -0.35 -4.83
CA GLN B 103 2.81 -0.89 -5.73
C GLN B 103 4.20 -0.50 -5.30
N ASP B 104 4.30 0.40 -4.34
CA ASP B 104 5.58 0.91 -3.96
C ASP B 104 6.05 0.35 -2.61
N THR B 105 5.17 -0.21 -1.80
CA THR B 105 5.63 -0.65 -0.45
C THR B 105 4.81 -1.82 0.00
N ASP B 106 5.42 -2.69 0.78
CA ASP B 106 4.67 -3.80 1.42
C ASP B 106 3.84 -3.29 2.61
N TYR B 107 3.99 -2.02 3.02
CA TYR B 107 3.22 -1.48 4.18
C TYR B 107 2.38 -0.22 3.82
N PRO B 108 1.40 -0.33 2.91
CA PRO B 108 0.68 0.86 2.38
C PRO B 108 -0.42 1.30 3.31
N TYR B 109 -0.05 1.80 4.49
CA TYR B 109 -0.96 2.23 5.51
C TYR B 109 -0.18 2.98 6.59
N MET B 110 -0.90 3.57 7.52
CA MET B 110 -0.38 4.05 8.78
C MET B 110 -0.88 3.18 9.90
N LEU B 111 -0.11 3.04 10.95
CA LEU B 111 -0.55 2.34 12.15
C LEU B 111 -0.48 3.34 13.28
N LEU B 112 -1.52 3.34 14.12
CA LEU B 112 -1.61 4.20 15.26
C LEU B 112 -1.61 3.37 16.52
N LEU B 113 -0.76 3.75 17.45
CA LEU B 113 -0.67 3.05 18.75
C LEU B 113 0.03 3.88 19.79
N ALA B 114 -0.58 4.12 20.94
CA ALA B 114 0.04 4.92 21.96
C ALA B 114 1.35 4.34 22.40
N GLN B 115 2.20 5.22 22.92
CA GLN B 115 3.52 4.85 23.28
C GLN B 115 3.62 3.83 24.41
N ASN B 116 2.72 3.86 25.36
CA ASN B 116 2.74 2.82 26.41
C ASN B 116 2.55 1.44 25.81
N HIS B 117 1.71 1.32 24.80
CA HIS B 117 1.49 0.01 24.21
C HIS B 117 2.71 -0.42 23.41
N VAL B 118 3.25 0.49 22.62
CA VAL B 118 4.47 0.17 21.86
C VAL B 118 5.57 -0.25 22.83
N SER B 119 5.83 0.54 23.88
CA SER B 119 6.91 0.20 24.86
C SER B 119 6.69 -1.17 25.50
N ASN B 120 5.47 -1.49 25.86
CA ASN B 120 5.14 -2.79 26.39
C ASN B 120 5.45 -3.93 25.41
N VAL B 121 5.19 -3.74 24.15
CA VAL B 121 5.53 -4.75 23.18
C VAL B 121 7.05 -4.94 23.16
N ILE B 122 7.80 -3.84 23.15
CA ILE B 122 9.24 -3.95 22.98
C ILE B 122 9.85 -4.63 24.25
N VAL B 123 9.37 -4.23 25.41
CA VAL B 123 9.81 -4.78 26.70
C VAL B 123 9.55 -6.29 26.69
N GLU B 124 8.43 -6.76 26.12
CA GLU B 124 8.17 -8.21 25.99
C GLU B 124 9.26 -8.91 25.17
N HIS B 125 9.65 -8.32 24.05
CA HIS B 125 10.73 -8.92 23.27
C HIS B 125 12.09 -8.82 24.00
N LEU B 126 12.34 -7.76 24.74
CA LEU B 126 13.61 -7.64 25.48
C LEU B 126 13.73 -8.68 26.54
N ARG B 127 12.53 -9.02 27.19
CA ARG B 127 12.55 -9.93 28.33
C ARG B 127 13.17 -11.27 27.97
N LYS B 128 13.10 -11.69 26.65
CA LYS B 128 13.64 -12.93 26.19
C LYS B 128 15.17 -12.94 25.93
N LEU B 129 15.83 -11.84 26.20
CA LEU B 129 17.25 -11.70 25.90
C LEU B 129 17.98 -11.56 27.20
N PRO B 130 18.66 -12.63 27.65
CA PRO B 130 19.34 -12.55 28.95
C PRO B 130 20.50 -11.54 28.97
N ASN B 131 21.02 -11.16 27.80
CA ASN B 131 22.09 -10.20 27.74
C ASN B 131 21.64 -8.75 27.81
N VAL B 132 20.34 -8.50 28.00
CA VAL B 132 19.82 -7.13 28.16
C VAL B 132 19.21 -7.01 29.54
N GLU B 133 19.57 -5.98 30.26
CA GLU B 133 18.98 -5.71 31.57
C GLU B 133 18.36 -4.32 31.54
N ILE B 134 17.15 -4.15 32.06
CA ILE B 134 16.55 -2.83 32.13
C ILE B 134 16.62 -2.44 33.58
N ARG B 135 17.26 -1.29 33.86
CA ARG B 135 17.37 -0.77 35.22
C ARG B 135 16.48 0.47 35.31
N TRP B 136 15.21 0.29 35.51
CA TRP B 136 14.27 1.39 35.77
C TRP B 136 14.59 2.07 37.09
N ASN B 137 14.25 3.33 37.14
CA ASN B 137 14.57 4.15 38.30
C ASN B 137 16.04 4.16 38.62
N HIS B 138 16.88 4.15 37.57
CA HIS B 138 18.29 4.48 37.68
C HIS B 138 18.52 5.69 36.77
N LYS B 139 19.05 6.74 37.39
CA LYS B 139 19.32 8.01 36.77
C LYS B 139 20.81 8.12 36.59
N VAL B 140 21.22 8.61 35.42
CA VAL B 140 22.55 9.10 35.22
C VAL B 140 22.63 10.48 35.81
N GLU B 141 23.54 10.65 36.77
CA GLU B 141 23.74 11.93 37.46
C GLU B 141 25.00 12.65 36.92
N GLU B 142 26.03 11.88 36.53
CA GLU B 142 27.27 12.46 36.00
C GLU B 142 27.79 11.54 34.92
N ILE B 143 28.49 12.11 33.95
CA ILE B 143 29.01 11.32 32.83
C ILE B 143 30.30 11.96 32.30
N ASP B 144 31.30 11.14 32.09
CA ASP B 144 32.52 11.59 31.50
C ASP B 144 33.07 10.41 30.73
N GLN B 145 34.18 10.61 30.09
CA GLN B 145 34.74 9.51 29.32
C GLN B 145 36.25 9.66 29.20
N ASP B 146 36.93 8.53 29.00
CA ASP B 146 38.34 8.51 28.57
C ASP B 146 38.42 7.65 27.31
N ASP B 147 39.60 7.14 26.96
CA ASP B 147 39.77 6.61 25.59
C ASP B 147 39.10 5.28 25.41
N ASP B 148 38.90 4.59 26.50
CA ASP B 148 38.44 3.26 26.49
C ASP B 148 37.00 3.06 26.94
N TYR B 149 36.56 3.93 27.87
CA TYR B 149 35.28 3.80 28.52
C TYR B 149 34.62 5.11 28.80
N VAL B 150 33.28 5.02 28.89
CA VAL B 150 32.45 6.11 29.42
C VAL B 150 32.13 5.70 30.85
N THR B 151 32.36 6.61 31.80
CA THR B 151 32.02 6.39 33.20
C THR B 151 30.85 7.29 33.64
N MET B 152 29.91 6.68 34.34
CA MET B 152 28.69 7.34 34.77
C MET B 152 28.54 7.15 36.27
N GLU B 153 28.10 8.20 36.94
CA GLU B 153 27.63 8.11 38.31
C GLU B 153 26.13 8.04 38.20
N THR B 154 25.54 7.06 38.87
CA THR B 154 24.15 6.79 38.80
C THR B 154 23.54 6.86 40.20
N SER B 155 22.23 7.08 40.25
CA SER B 155 21.46 6.91 41.50
C SER B 155 20.24 6.04 41.25
N GLY B 156 19.96 5.19 42.22
CA GLY B 156 18.92 4.19 42.14
C GLY B 156 18.29 3.96 43.52
N PRO B 157 17.44 2.93 43.61
CA PRO B 157 16.80 2.71 44.92
C PRO B 157 17.79 2.45 46.07
N ALA B 158 18.95 1.84 45.82
CA ALA B 158 19.92 1.60 46.86
C ALA B 158 20.84 2.78 47.14
N GLY B 159 20.71 3.90 46.44
CA GLY B 159 21.61 5.07 46.60
C GLY B 159 22.52 5.27 45.37
N LYS B 160 23.70 5.81 45.57
CA LYS B 160 24.60 6.10 44.46
C LYS B 160 25.47 4.92 44.03
N ALA B 161 25.81 4.90 42.76
CA ALA B 161 26.69 3.85 42.23
C ALA B 161 27.46 4.41 41.03
N SER B 162 28.40 3.64 40.53
CA SER B 162 29.28 4.02 39.41
C SER B 162 29.25 2.88 38.40
N LEU B 163 29.33 3.26 37.19
CA LEU B 163 29.15 2.34 36.08
C LEU B 163 29.99 2.83 34.91
N ARG B 164 30.69 1.90 34.26
CA ARG B 164 31.48 2.22 33.08
C ARG B 164 31.07 1.32 31.92
N ALA B 165 31.13 1.86 30.71
CA ALA B 165 30.69 1.12 29.53
C ALA B 165 31.52 1.52 28.32
N LYS B 166 31.58 0.58 27.24
CA LYS B 166 32.34 0.86 26.01
C LYS B 166 31.66 1.98 25.20
N TRP B 167 30.33 2.03 25.20
CA TRP B 167 29.53 2.97 24.40
C TRP B 167 28.25 3.34 25.15
N VAL B 168 27.84 4.58 25.01
CA VAL B 168 26.58 5.01 25.56
C VAL B 168 25.67 5.58 24.47
N ALA B 169 24.45 5.03 24.40
CA ALA B 169 23.41 5.52 23.49
C ALA B 169 22.43 6.30 24.32
N ALA B 170 22.49 7.62 24.20
CA ALA B 170 21.61 8.55 24.93
C ALA B 170 20.34 8.80 24.11
N THR B 171 19.18 8.49 24.70
CA THR B 171 17.88 8.68 24.02
C THR B 171 16.92 9.45 24.93
N ASP B 172 17.38 9.84 26.10
CA ASP B 172 16.59 10.51 27.17
C ASP B 172 15.84 11.72 26.61
N SER B 176 17.65 15.36 26.99
CA SER B 176 17.59 16.62 27.76
C SER B 176 18.44 16.45 29.02
N THR B 177 19.33 15.45 29.12
CA THR B 177 20.20 15.32 30.32
C THR B 177 21.62 14.89 29.94
N VAL B 178 21.78 13.70 29.35
CA VAL B 178 23.14 13.25 28.95
C VAL B 178 23.67 14.25 27.92
N ARG B 179 22.84 14.68 26.99
CA ARG B 179 23.27 15.66 25.96
C ARG B 179 23.88 16.89 26.63
N GLY B 180 23.27 17.36 27.71
CA GLY B 180 23.74 18.57 28.33
C GLY B 180 25.07 18.26 28.99
N LYS B 181 25.16 17.15 29.72
CA LYS B 181 26.32 16.89 30.52
C LYS B 181 27.55 16.68 29.68
N ILE B 182 27.42 16.10 28.48
CA ILE B 182 28.57 16.04 27.56
C ILE B 182 28.78 17.32 26.71
N GLY B 183 28.06 18.40 27.06
CA GLY B 183 28.27 19.75 26.57
C GLY B 183 27.78 19.97 25.15
N LEU B 184 26.93 19.07 24.63
CA LEU B 184 26.26 19.33 23.38
C LEU B 184 25.11 20.28 23.60
N THR B 185 24.78 20.85 22.48
CA THR B 185 23.91 21.93 22.35
C THR B 185 22.58 21.43 21.73
N PHE B 186 21.50 22.17 21.88
CA PHE B 186 20.18 21.80 21.30
C PHE B 186 19.63 23.06 20.63
N ASP B 187 20.18 23.35 19.48
CA ASP B 187 19.94 24.60 18.75
C ASP B 187 18.66 24.60 17.90
N GLY B 188 18.03 25.76 17.78
CA GLY B 188 16.80 25.92 17.00
C GLY B 188 15.86 26.90 17.66
N ILE B 189 14.57 26.65 17.51
CA ILE B 189 13.51 27.56 17.95
C ILE B 189 12.52 26.86 18.85
N THR B 190 11.78 27.68 19.59
CA THR B 190 10.64 27.20 20.34
C THR B 190 9.43 27.89 19.78
N TRP B 191 8.40 27.12 19.41
CA TRP B 191 7.16 27.73 18.93
C TRP B 191 6.55 28.57 20.05
N SER B 192 5.91 29.69 19.73
CA SER B 192 5.29 30.48 20.81
C SER B 192 3.95 29.85 21.29
N GLU B 193 3.36 29.00 20.46
CA GLU B 193 2.10 28.36 20.79
C GLU B 193 2.30 27.32 21.87
N ARG B 194 1.39 27.30 22.83
CA ARG B 194 1.34 26.22 23.79
C ARG B 194 0.45 25.03 23.28
N LEU B 195 0.98 23.83 23.39
CA LEU B 195 0.25 22.67 22.93
C LEU B 195 -0.41 22.08 24.16
N VAL B 196 -1.64 21.64 24.01
CA VAL B 196 -2.34 20.87 25.04
C VAL B 196 -2.59 19.50 24.43
N ALA B 197 -1.94 18.47 25.00
CA ALA B 197 -2.14 17.06 24.55
C ALA B 197 -3.13 16.39 25.51
N THR B 198 -4.22 15.84 24.98
CA THR B 198 -5.24 15.18 25.77
C THR B 198 -5.49 13.82 25.23
N ASN B 199 -5.85 12.88 26.10
CA ASN B 199 -6.36 11.60 25.66
C ASN B 199 -7.80 11.60 26.10
N VAL B 200 -8.68 11.32 25.17
CA VAL B 200 -10.08 11.41 25.33
C VAL B 200 -10.83 10.18 24.83
N PHE B 201 -11.79 9.72 25.63
CA PHE B 201 -12.81 8.79 25.13
C PHE B 201 -13.97 9.57 24.54
N TYR B 202 -14.04 9.59 23.20
CA TYR B 202 -15.15 10.15 22.46
C TYR B 202 -15.16 9.53 21.07
N ASP B 203 -16.34 9.24 20.56
CA ASP B 203 -16.45 8.43 19.40
C ASP B 203 -16.38 9.34 18.20
N PHE B 204 -15.14 9.69 17.83
CA PHE B 204 -14.93 10.60 16.65
C PHE B 204 -15.34 9.96 15.35
N SER B 205 -15.12 8.66 15.27
CA SER B 205 -15.48 7.95 14.04
C SER B 205 -17.01 7.92 13.80
N LEU B 206 -17.78 7.79 14.86
CA LEU B 206 -19.25 7.90 14.71
C LEU B 206 -19.62 9.23 14.08
N HIS B 207 -18.86 10.27 14.32
CA HIS B 207 -19.19 11.57 13.74
C HIS B 207 -18.57 11.79 12.38
N GLY B 208 -18.02 10.76 11.76
CA GLY B 208 -17.43 10.93 10.44
C GLY B 208 -15.95 11.35 10.39
N TYR B 209 -15.23 11.43 11.51
CA TYR B 209 -13.82 11.71 11.40
C TYR B 209 -13.09 10.48 10.90
N SER B 210 -11.91 10.68 10.37
CA SER B 210 -11.01 9.56 10.01
C SER B 210 -10.24 9.15 11.25
N ARG B 211 -9.43 8.13 11.14
CA ARG B 211 -8.59 7.74 12.26
C ARG B 211 -7.45 8.72 12.58
N ALA B 212 -7.02 9.52 11.59
CA ALA B 212 -6.08 10.58 11.78
C ALA B 212 -6.54 11.76 11.04
N ASN B 213 -6.57 12.90 11.73
CA ASN B 213 -7.13 14.14 11.22
C ASN B 213 -6.26 15.35 11.61
N PHE B 214 -6.03 16.23 10.62
CA PHE B 214 -5.41 17.51 10.84
C PHE B 214 -6.48 18.51 10.63
N VAL B 215 -6.80 19.26 11.68
CA VAL B 215 -7.86 20.23 11.63
C VAL B 215 -7.21 21.58 11.49
N HIS B 216 -7.52 22.27 10.40
CA HIS B 216 -6.87 23.60 10.08
C HIS B 216 -7.76 24.81 10.45
N ASP B 217 -7.28 25.61 11.37
CA ASP B 217 -7.96 26.81 11.84
C ASP B 217 -6.97 27.67 12.56
N PRO B 218 -7.13 29.01 12.50
CA PRO B 218 -6.16 29.83 13.15
C PRO B 218 -6.18 29.73 14.70
N VAL B 219 -7.28 29.36 15.29
CA VAL B 219 -7.40 29.27 16.73
C VAL B 219 -7.66 27.83 17.23
N ASP B 220 -8.67 27.18 16.66
CA ASP B 220 -9.08 25.83 17.04
C ASP B 220 -8.50 24.79 16.10
N TRP B 221 -7.21 24.94 15.74
CA TRP B 221 -6.51 23.85 15.02
C TRP B 221 -6.39 22.66 15.96
N ALA B 222 -6.23 21.46 15.42
CA ALA B 222 -6.01 20.27 16.23
C ALA B 222 -5.45 19.12 15.44
N VAL B 223 -4.88 18.19 16.16
CA VAL B 223 -4.56 16.87 15.62
C VAL B 223 -5.42 15.89 16.43
N VAL B 224 -6.21 15.10 15.72
CA VAL B 224 -7.15 14.22 16.35
C VAL B 224 -6.86 12.84 15.73
N VAL B 225 -6.35 11.96 16.55
CA VAL B 225 -5.80 10.73 16.08
C VAL B 225 -6.06 9.60 17.06
N GLN B 226 -6.55 8.49 16.59
CA GLN B 226 -6.90 7.42 17.55
C GLN B 226 -5.65 6.79 18.17
N LEU B 227 -5.75 6.47 19.46
CA LEU B 227 -4.59 5.94 20.22
C LEU B 227 -4.59 4.41 20.31
N ASP B 228 -5.73 3.79 20.55
CA ASP B 228 -5.79 2.32 20.67
C ASP B 228 -7.19 1.79 20.36
N LYS B 229 -7.34 0.48 20.51
CA LYS B 229 -8.60 -0.24 20.23
C LYS B 229 -9.62 -0.09 21.36
N THR B 230 -9.25 0.50 22.50
CA THR B 230 -10.20 0.83 23.59
C THR B 230 -11.15 1.97 23.17
N GLY B 231 -10.79 2.79 22.19
CA GLY B 231 -11.60 3.96 21.79
C GLY B 231 -10.96 5.25 22.32
N LEU B 232 -9.73 5.15 22.82
CA LEU B 232 -9.09 6.31 23.32
C LEU B 232 -8.46 7.09 22.16
N TRP B 233 -8.66 8.42 22.13
CA TRP B 233 -8.18 9.27 21.05
C TRP B 233 -7.24 10.36 21.61
N ARG B 234 -6.27 10.75 20.83
CA ARG B 234 -5.41 11.91 21.16
C ARG B 234 -6.00 13.14 20.47
N VAL B 235 -6.24 14.18 21.26
CA VAL B 235 -6.67 15.49 20.80
C VAL B 235 -5.58 16.47 21.27
N CYS B 236 -4.86 17.02 20.29
CA CYS B 236 -3.85 18.02 20.55
C CYS B 236 -4.37 19.32 20.01
N TYR B 237 -4.28 20.39 20.79
CA TYR B 237 -4.77 21.69 20.40
C TYR B 237 -3.95 22.76 21.05
N GLY B 238 -4.25 23.99 20.67
CA GLY B 238 -3.47 25.21 21.08
C GLY B 238 -4.18 25.95 22.18
N GLU B 239 -3.42 26.46 23.13
CA GLU B 239 -3.99 27.25 24.22
C GLU B 239 -3.07 28.42 24.54
N ASP B 240 -3.61 29.45 25.19
CA ASP B 240 -2.78 30.61 25.56
C ASP B 240 -1.55 30.11 26.34
N PRO B 241 -0.33 30.57 25.99
CA PRO B 241 0.84 30.02 26.67
C PRO B 241 1.08 30.58 28.10
N ASP B 242 0.29 31.58 28.53
CA ASP B 242 0.61 32.28 29.79
C ASP B 242 -0.19 31.82 30.97
N ILE B 243 -1.39 31.32 30.71
CA ILE B 243 -2.26 30.93 31.77
C ILE B 243 -1.72 29.69 32.54
N SER B 244 -2.27 29.51 33.71
CA SER B 244 -1.89 28.39 34.56
C SER B 244 -2.45 27.07 33.97
N GLU B 245 -1.88 25.94 34.41
CA GLU B 245 -2.45 24.66 34.04
C GLU B 245 -3.89 24.52 34.54
N ALA B 246 -4.18 25.06 35.72
CA ALA B 246 -5.56 25.05 36.18
C ALA B 246 -6.53 25.71 35.20
N GLU B 247 -6.09 26.83 34.67
CA GLU B 247 -6.95 27.58 33.77
C GLU B 247 -7.10 26.84 32.41
N VAL B 248 -6.06 26.12 31.99
CA VAL B 248 -6.11 25.29 30.75
C VAL B 248 -7.24 24.27 30.93
N ARG B 249 -7.24 23.60 32.08
CA ARG B 249 -8.26 22.56 32.41
C ARG B 249 -9.66 23.17 32.45
N ARG B 250 -9.83 24.34 33.12
CA ARG B 250 -11.13 24.98 33.17
C ARG B 250 -11.61 25.43 31.79
N ARG B 251 -10.73 25.79 30.86
CA ARG B 251 -11.09 26.27 29.52
C ARG B 251 -11.49 25.09 28.60
N LEU B 252 -11.01 23.90 28.92
CA LEU B 252 -11.23 22.71 28.06
C LEU B 252 -12.70 22.49 27.64
N PRO B 253 -13.68 22.52 28.55
CA PRO B 253 -15.07 22.25 28.18
C PRO B 253 -15.57 23.16 27.03
N GLU B 254 -15.32 24.46 27.12
CA GLU B 254 -15.73 25.37 26.02
C GLU B 254 -14.90 25.06 24.77
N ARG B 255 -13.62 24.70 24.91
CA ARG B 255 -12.81 24.43 23.70
C ARG B 255 -13.34 23.17 22.99
N PHE B 256 -13.73 22.17 23.77
CA PHE B 256 -14.23 20.93 23.20
C PHE B 256 -15.60 21.05 22.52
N LYS B 257 -16.35 22.14 22.78
CA LYS B 257 -17.55 22.40 22.03
C LYS B 257 -17.22 22.61 20.63
N ARG B 258 -16.01 23.07 20.34
CA ARG B 258 -15.60 23.32 18.94
C ARG B 258 -14.69 22.21 18.41
N LEU B 259 -13.82 21.70 19.28
CA LEU B 259 -12.84 20.69 18.85
C LEU B 259 -13.43 19.31 18.61
N LEU B 260 -14.51 18.96 19.28
CA LEU B 260 -15.09 17.65 19.12
C LEU B 260 -16.34 17.78 18.24
N PRO B 261 -16.50 16.94 17.22
CA PRO B 261 -17.71 17.07 16.41
C PRO B 261 -18.96 16.72 17.22
N GLY B 262 -20.07 17.34 16.88
CA GLY B 262 -21.30 17.22 17.64
C GLY B 262 -21.43 18.11 18.88
N ALA B 263 -20.50 19.05 19.08
CA ALA B 263 -20.56 20.01 20.18
C ALA B 263 -20.91 19.45 21.53
N PRO B 264 -20.16 18.45 22.00
CA PRO B 264 -20.57 17.79 23.21
C PRO B 264 -20.38 18.61 24.46
N THR B 265 -21.25 18.32 25.42
CA THR B 265 -21.13 18.84 26.80
C THR B 265 -20.15 17.93 27.55
N PRO B 266 -19.59 18.34 28.70
CA PRO B 266 -18.64 17.51 29.46
C PRO B 266 -19.07 16.07 29.77
N ASP B 267 -20.35 15.81 29.95
CA ASP B 267 -20.83 14.43 30.25
C ASP B 267 -20.91 13.53 29.01
N GLN B 268 -20.46 13.95 27.83
CA GLN B 268 -20.55 13.15 26.58
C GLN B 268 -19.16 12.61 26.19
N TYR B 269 -18.14 12.99 26.95
CA TYR B 269 -16.76 12.50 26.71
C TYR B 269 -16.02 12.35 28.03
N ARG B 270 -14.93 11.61 28.00
CA ARG B 270 -14.09 11.52 29.18
C ARG B 270 -12.68 11.89 28.86
N VAL B 271 -12.14 12.86 29.55
CA VAL B 271 -10.74 13.24 29.41
C VAL B 271 -9.96 12.32 30.31
N ASP B 272 -9.15 11.43 29.72
CA ASP B 272 -8.33 10.45 30.44
C ASP B 272 -6.96 11.02 30.89
N TYR B 273 -6.45 12.03 30.19
CA TYR B 273 -5.17 12.58 30.43
C TYR B 273 -5.09 13.95 29.78
N LEU B 274 -4.41 14.87 30.43
CA LEU B 274 -4.17 16.17 29.85
C LEU B 274 -2.83 16.66 30.30
N ASN B 275 -2.05 17.20 29.37
CA ASN B 275 -0.80 17.87 29.75
C ASN B 275 -0.42 18.95 28.76
N PRO B 276 -0.03 20.16 29.26
CA PRO B 276 0.45 21.19 28.36
C PRO B 276 1.94 21.06 28.07
N TYR B 277 2.39 21.50 26.91
CA TYR B 277 3.76 21.42 26.50
C TYR B 277 4.20 22.65 25.72
N ARG B 278 5.51 22.88 25.71
CA ARG B 278 6.15 23.80 24.77
C ARG B 278 6.83 22.90 23.73
N VAL B 279 6.82 23.30 22.49
CA VAL B 279 7.30 22.42 21.44
C VAL B 279 8.30 23.18 20.61
N HIS B 280 9.16 22.45 19.91
CA HIS B 280 10.36 23.04 19.31
C HIS B 280 10.64 22.49 17.95
N GLN B 281 11.52 23.18 17.22
CA GLN B 281 12.31 22.60 16.15
C GLN B 281 13.80 22.79 16.58
N ARG B 282 14.40 21.73 17.13
CA ARG B 282 15.74 21.77 17.76
C ARG B 282 16.52 20.52 17.44
N CYS B 283 17.86 20.67 17.44
CA CYS B 283 18.77 19.65 16.91
C CYS B 283 20.14 19.83 17.54
N ALA B 284 20.75 18.74 18.02
CA ALA B 284 22.14 18.83 18.49
C ALA B 284 23.03 19.11 17.31
N ALA B 285 24.11 19.85 17.58
CA ALA B 285 25.04 20.22 16.49
C ALA B 285 25.77 19.00 15.94
N GLU B 286 26.02 18.02 16.80
CA GLU B 286 26.57 16.71 16.39
C GLU B 286 25.87 15.66 17.23
N PHE B 287 25.66 14.48 16.69
CA PHE B 287 24.96 13.45 17.43
C PHE B 287 25.91 12.51 18.14
N ARG B 288 27.14 12.71 18.08
CA ARG B 288 28.07 11.88 18.82
C ARG B 288 29.21 12.76 19.32
N ARG B 289 29.64 12.42 20.57
CA ARG B 289 30.84 13.01 21.19
C ARG B 289 31.58 11.86 21.79
N GLY B 290 32.62 11.43 21.10
CA GLY B 290 33.40 10.30 21.59
C GLY B 290 32.60 9.01 21.64
N ARG B 291 32.50 8.43 22.82
CA ARG B 291 31.79 7.14 23.03
C ARG B 291 30.30 7.35 23.37
N VAL B 292 29.85 8.60 23.37
CA VAL B 292 28.43 8.93 23.67
C VAL B 292 27.74 9.39 22.38
N ILE B 293 26.70 8.65 22.01
CA ILE B 293 25.93 8.92 20.77
C ILE B 293 24.45 9.17 21.11
N LEU B 294 23.90 10.21 20.53
CA LEU B 294 22.49 10.61 20.70
C LEU B 294 21.55 10.04 19.65
N ALA B 295 20.31 9.75 20.06
CA ALA B 295 19.25 9.35 19.12
C ALA B 295 17.89 9.85 19.64
N GLY B 296 16.93 9.92 18.72
CA GLY B 296 15.55 10.31 19.06
C GLY B 296 15.50 11.66 19.73
N ASP B 297 14.72 11.76 20.80
CA ASP B 297 14.51 13.02 21.52
C ASP B 297 15.80 13.64 22.07
N ALA B 298 16.82 12.84 22.34
CA ALA B 298 18.08 13.43 22.82
C ALA B 298 18.78 14.21 21.68
N ALA B 299 18.57 13.79 20.43
CA ALA B 299 19.25 14.33 19.30
C ALA B 299 18.49 15.45 18.63
N HIS B 300 17.14 15.36 18.65
CA HIS B 300 16.31 16.33 17.92
C HIS B 300 14.84 16.30 18.35
N ALA B 301 14.15 17.41 18.15
CA ALA B 301 12.70 17.49 18.45
C ALA B 301 12.03 18.38 17.42
N THR B 302 10.86 17.93 17.00
CA THR B 302 9.94 18.62 16.12
C THR B 302 8.59 18.89 16.85
N ASN B 303 7.79 19.83 16.35
CA ASN B 303 6.43 19.94 16.87
C ASN B 303 5.65 18.67 16.48
N PRO B 304 4.91 18.06 17.43
CA PRO B 304 4.17 16.80 17.15
C PRO B 304 2.94 16.92 16.25
N MET B 305 2.42 18.13 16.07
CA MET B 305 1.21 18.34 15.26
C MET B 305 1.55 18.16 13.76
N GLY B 306 2.37 19.05 13.23
CA GLY B 306 2.96 18.84 11.93
C GLY B 306 3.89 17.66 11.81
N GLY B 307 4.44 17.23 12.95
CA GLY B 307 5.43 16.18 13.01
C GLY B 307 4.86 14.77 13.16
N LEU B 308 3.53 14.63 13.00
CA LEU B 308 2.89 13.33 13.13
C LEU B 308 3.59 12.33 12.20
N GLY B 309 4.09 11.25 12.77
CA GLY B 309 4.82 10.26 11.99
C GLY B 309 6.22 10.64 11.47
N LEU B 310 6.71 11.82 11.82
CA LEU B 310 7.98 12.34 11.37
C LEU B 310 8.99 12.49 12.49
N SER B 311 8.83 11.82 13.65
CA SER B 311 9.83 12.05 14.71
C SER B 311 11.22 11.46 14.23
N GLY B 312 11.18 10.38 13.44
CA GLY B 312 12.37 9.69 12.97
C GLY B 312 13.07 8.82 14.00
N GLY B 313 12.46 8.65 15.16
CA GLY B 313 13.07 7.90 16.28
C GLY B 313 13.37 6.47 15.96
N VAL B 314 12.45 5.76 15.30
CA VAL B 314 12.60 4.33 15.06
C VAL B 314 13.76 4.08 14.10
N LEU B 315 13.82 4.90 13.04
CA LEU B 315 14.89 4.73 12.10
C LEU B 315 16.21 5.25 12.66
N ASP B 316 16.15 6.28 13.55
CA ASP B 316 17.31 6.64 14.37
C ASP B 316 17.86 5.42 15.09
N ALA B 317 17.04 4.73 15.87
CA ALA B 317 17.43 3.59 16.66
C ALA B 317 17.98 2.47 15.82
N GLU B 318 17.38 2.23 14.66
CA GLU B 318 17.77 1.10 13.82
C GLU B 318 19.19 1.32 13.25
N HIS B 319 19.43 2.52 12.78
CA HIS B 319 20.74 2.92 12.29
C HIS B 319 21.77 2.95 13.43
N LEU B 320 21.44 3.51 14.57
CA LEU B 320 22.38 3.52 15.66
C LEU B 320 22.79 2.10 16.07
N ALA B 321 21.85 1.20 16.29
CA ALA B 321 22.16 -0.16 16.68
C ALA B 321 22.97 -0.87 15.62
N GLU B 322 22.62 -0.69 14.36
CA GLU B 322 23.42 -1.31 13.29
C GLU B 322 24.87 -0.87 13.34
N ALA B 323 25.09 0.41 13.55
CA ALA B 323 26.42 0.98 13.52
C ALA B 323 27.24 0.46 14.70
N LEU B 324 26.62 0.41 15.87
CA LEU B 324 27.24 -0.12 17.07
C LEU B 324 27.51 -1.60 16.96
N ILE B 325 26.60 -2.37 16.40
CA ILE B 325 26.87 -3.76 16.11
C ILE B 325 28.10 -3.94 15.19
N ALA B 326 28.20 -3.13 14.14
CA ALA B 326 29.30 -3.23 13.22
C ALA B 326 30.64 -3.01 13.97
N VAL B 327 30.69 -1.97 14.81
CA VAL B 327 31.87 -1.68 15.63
C VAL B 327 32.13 -2.82 16.61
N ILE B 328 31.13 -3.19 17.38
CA ILE B 328 31.37 -4.05 18.52
C ILE B 328 31.59 -5.47 18.08
N LYS B 329 30.83 -5.96 17.11
CA LYS B 329 30.90 -7.33 16.71
C LYS B 329 31.65 -7.60 15.42
N GLU B 330 31.80 -6.61 14.56
CA GLU B 330 32.26 -6.86 13.19
C GLU B 330 33.59 -6.11 12.88
N GLY B 331 34.19 -5.51 13.91
CA GLY B 331 35.45 -4.82 13.75
C GLY B 331 35.41 -3.57 12.89
N ALA B 332 34.24 -2.97 12.67
CA ALA B 332 34.23 -1.80 11.82
C ALA B 332 34.81 -0.61 12.48
N SER B 333 35.22 0.35 11.70
CA SER B 333 35.82 1.52 12.29
C SER B 333 34.73 2.42 12.75
N THR B 334 35.02 3.28 13.70
CA THR B 334 34.05 4.24 14.16
C THR B 334 33.56 5.20 13.05
N LYS B 335 34.04 5.04 11.81
CA LYS B 335 33.45 5.83 10.75
C LYS B 335 31.94 5.51 10.51
N VAL B 336 31.53 4.30 10.80
CA VAL B 336 30.13 3.95 10.70
C VAL B 336 29.30 4.76 11.69
N LEU B 337 29.89 5.21 12.78
CA LEU B 337 29.20 6.03 13.77
C LEU B 337 29.10 7.47 13.33
N ASP B 338 30.12 7.94 12.59
CA ASP B 338 30.09 9.27 12.04
C ASP B 338 29.05 9.32 10.97
N GLU B 339 28.90 8.24 10.23
CA GLU B 339 27.91 8.14 9.17
C GLU B 339 26.50 8.12 9.74
N TYR B 340 26.30 7.39 10.80
CA TYR B 340 25.04 7.52 11.57
C TYR B 340 24.75 9.01 11.91
N SER B 341 25.70 9.73 12.51
CA SER B 341 25.43 11.08 12.98
C SER B 341 25.14 12.01 11.81
N VAL B 342 25.88 11.85 10.72
CA VAL B 342 25.66 12.74 9.57
C VAL B 342 24.30 12.47 8.93
N ASP B 343 23.97 11.21 8.68
CA ASP B 343 22.70 10.79 8.02
C ASP B 343 21.46 11.20 8.81
N ARG B 344 21.42 10.88 10.10
CA ARG B 344 20.22 11.16 10.94
C ARG B 344 20.05 12.67 11.09
N ARG B 345 21.15 13.39 11.31
CA ARG B 345 21.09 14.87 11.41
C ARG B 345 20.58 15.45 10.08
N LYS B 346 21.02 14.89 8.95
CA LYS B 346 20.55 15.33 7.63
C LYS B 346 19.05 15.09 7.49
N VAL B 347 18.58 13.91 7.88
CA VAL B 347 17.15 13.57 7.76
C VAL B 347 16.33 14.60 8.56
N PHE B 348 16.82 14.94 9.74
CA PHE B 348 16.08 15.93 10.56
C PHE B 348 16.10 17.32 9.92
N LEU B 349 17.29 17.86 9.67
CA LEU B 349 17.43 19.24 9.16
C LEU B 349 16.89 19.38 7.74
N GLU B 350 17.04 18.38 6.90
CA GLU B 350 16.62 18.54 5.49
C GLU B 350 15.22 18.00 5.20
N PHE B 351 14.68 17.13 6.04
CA PHE B 351 13.35 16.58 5.72
C PHE B 351 12.36 16.71 6.88
N THR B 352 12.59 16.02 8.00
CA THR B 352 11.55 15.99 9.05
C THR B 352 11.23 17.39 9.61
N SER B 353 12.25 18.17 9.96
CA SER B 353 12.00 19.47 10.62
C SER B 353 11.27 20.43 9.69
N PRO B 354 11.77 20.73 8.48
CA PRO B 354 11.08 21.64 7.59
C PRO B 354 9.66 21.16 7.25
N THR B 355 9.49 19.87 6.95
CA THR B 355 8.17 19.30 6.62
C THR B 355 7.18 19.55 7.78
N ALA B 356 7.59 19.21 8.98
CA ALA B 356 6.75 19.40 10.19
C ALA B 356 6.49 20.89 10.41
N THR B 357 7.48 21.72 10.14
CA THR B 357 7.30 23.15 10.28
C THR B 357 6.25 23.72 9.31
N ALA B 358 6.34 23.33 8.05
CA ALA B 358 5.38 23.74 7.07
C ALA B 358 3.98 23.22 7.40
N ASN B 359 3.88 21.94 7.78
CA ASN B 359 2.62 21.36 8.17
C ASN B 359 1.93 22.19 9.26
N PHE B 360 2.71 22.62 10.27
CA PHE B 360 2.11 23.40 11.35
C PHE B 360 1.76 24.85 10.95
N THR B 361 2.60 25.49 10.13
CA THR B 361 2.29 26.79 9.53
C THR B 361 0.96 26.79 8.76
N TRP B 362 0.78 25.80 7.88
CA TRP B 362 -0.48 25.65 7.14
C TRP B 362 -1.64 25.45 8.09
N MET B 363 -1.42 24.61 9.11
CA MET B 363 -2.46 24.30 10.06
C MET B 363 -3.02 25.55 10.74
N LYS B 364 -2.14 26.44 11.17
CA LYS B 364 -2.54 27.56 12.00
C LYS B 364 -2.64 28.89 11.23
N GLU B 365 -2.47 28.86 9.91
CA GLU B 365 -2.51 30.08 9.12
C GLU B 365 -3.75 30.95 9.40
N SER B 366 -3.55 32.25 9.60
CA SER B 366 -4.67 33.14 9.92
C SER B 366 -5.07 34.10 8.76
N ASP B 367 -4.20 34.29 7.79
CA ASP B 367 -4.51 35.18 6.69
C ASP B 367 -5.55 34.55 5.81
N PRO B 368 -6.69 35.20 5.64
CA PRO B 368 -7.79 34.53 4.90
C PRO B 368 -7.50 34.15 3.46
N ALA B 369 -6.82 35.04 2.76
CA ALA B 369 -6.48 34.77 1.37
C ALA B 369 -5.47 33.61 1.30
N GLN B 370 -4.50 33.57 2.22
CA GLN B 370 -3.55 32.50 2.21
C GLN B 370 -4.19 31.16 2.61
N ARG B 371 -5.12 31.18 3.58
CA ARG B 371 -5.86 29.96 3.91
C ARG B 371 -6.56 29.40 2.69
N ALA B 372 -7.16 30.26 1.85
CA ALA B 372 -7.86 29.75 0.68
C ALA B 372 -6.86 29.09 -0.28
N ARG B 373 -5.70 29.68 -0.40
CA ARG B 373 -4.67 29.14 -1.27
C ARG B 373 -4.19 27.79 -0.75
N ASP B 374 -3.98 27.72 0.55
CA ASP B 374 -3.53 26.49 1.19
C ASP B 374 -4.59 25.38 0.99
N ASN B 375 -5.88 25.73 1.12
CA ASN B 375 -6.93 24.73 1.00
C ASN B 375 -7.05 24.22 -0.41
N ALA B 376 -6.83 25.09 -1.39
CA ALA B 376 -6.82 24.66 -2.80
C ALA B 376 -5.65 23.69 -3.02
N MET B 377 -4.50 23.95 -2.40
CA MET B 377 -3.31 23.08 -2.50
C MET B 377 -3.64 21.68 -1.98
N PHE B 378 -4.18 21.59 -0.76
CA PHE B 378 -4.55 20.31 -0.14
C PHE B 378 -5.61 19.60 -0.99
N ASP B 379 -6.58 20.36 -1.45
CA ASP B 379 -7.69 19.82 -2.28
C ASP B 379 -7.09 19.17 -3.53
N HIS B 380 -6.22 19.89 -4.23
CA HIS B 380 -5.58 19.35 -5.45
C HIS B 380 -4.79 18.08 -5.13
N ALA B 381 -4.03 18.07 -4.04
CA ALA B 381 -3.21 16.90 -3.62
C ALA B 381 -4.07 15.67 -3.26
N GLY B 382 -5.30 15.87 -2.86
CA GLY B 382 -6.25 14.80 -2.52
C GLY B 382 -7.05 14.34 -3.72
N LYS B 383 -7.04 15.09 -4.83
CA LYS B 383 -7.81 14.72 -6.04
C LYS B 383 -6.90 14.19 -7.16
N ASP B 384 -5.69 14.71 -7.24
CA ASP B 384 -4.70 14.28 -8.24
C ASP B 384 -3.95 13.08 -7.65
N LEU B 385 -4.33 11.88 -8.08
CA LEU B 385 -3.77 10.62 -7.55
C LEU B 385 -2.26 10.50 -7.82
N LYS B 386 -1.76 11.07 -8.91
CA LYS B 386 -0.33 11.10 -9.17
C LYS B 386 0.36 11.93 -8.14
N VAL B 387 -0.20 13.09 -7.85
CA VAL B 387 0.36 13.99 -6.85
C VAL B 387 0.21 13.40 -5.46
N MET B 388 -0.93 12.76 -5.20
CA MET B 388 -1.11 12.14 -3.89
C MET B 388 -0.02 11.11 -3.63
N ARG B 389 0.22 10.27 -4.62
CA ARG B 389 1.27 9.27 -4.51
C ARG B 389 2.62 9.91 -4.31
N GLU B 390 2.94 10.98 -5.04
CA GLU B 390 4.26 11.62 -4.80
C GLU B 390 4.43 12.14 -3.39
N ILE B 391 3.38 12.73 -2.85
CA ILE B 391 3.41 13.27 -1.49
C ILE B 391 3.60 12.16 -0.44
N LEU B 392 2.88 11.07 -0.59
CA LEU B 392 2.93 10.03 0.41
C LEU B 392 4.27 9.29 0.29
N LEU B 393 4.82 9.22 -0.92
CA LEU B 393 6.16 8.65 -1.12
C LEU B 393 7.30 9.43 -0.48
N ASP B 394 7.08 10.71 -0.27
CA ASP B 394 8.04 11.55 0.39
C ASP B 394 8.45 11.06 1.77
N PHE B 395 7.57 10.35 2.48
CA PHE B 395 7.91 9.84 3.82
C PHE B 395 9.12 8.86 3.76
N GLU B 396 9.45 8.34 2.58
CA GLU B 396 10.62 7.45 2.43
C GLU B 396 11.92 8.18 2.77
N LYS B 397 11.90 9.50 2.74
CA LYS B 397 13.03 10.28 3.11
C LYS B 397 13.39 10.13 4.57
N LEU B 398 12.48 9.59 5.37
CA LEU B 398 12.84 9.19 6.69
C LEU B 398 14.07 8.22 6.69
N ASN B 399 14.25 7.42 5.63
CA ASN B 399 15.32 6.43 5.55
C ASN B 399 16.69 7.03 5.40
N GLY B 400 16.78 8.27 4.96
CA GLY B 400 18.07 8.95 4.74
C GLY B 400 18.76 8.35 3.56
N ARG B 401 20.08 8.30 3.58
CA ARG B 401 20.83 7.74 2.43
C ARG B 401 21.34 6.34 2.73
N ARG B 402 21.04 5.80 3.88
CA ARG B 402 21.46 4.45 4.20
C ARG B 402 20.79 3.45 3.24
N VAL B 403 21.42 2.31 2.99
CA VAL B 403 20.92 1.36 2.01
C VAL B 403 19.98 0.32 2.63
#